data_7CMG
#
_entry.id   7CMG
#
_cell.length_a   87.140
_cell.length_b   98.280
_cell.length_c   209.680
_cell.angle_alpha   90.000
_cell.angle_beta   90.000
_cell.angle_gamma   90.000
#
_symmetry.space_group_name_H-M   'P 21 2 21'
#
_entity_poly.entity_id   1
_entity_poly.type   'polypeptide(L)'
_entity_poly.pdbx_seq_one_letter_code
;MDIGINSDPMAVGSNGNANRQKMINLMYLVFIAMMALNVSSEVLDGFDKVDKSLTSSIDGSDKRNNLVLSELNTAYRTNP
EKVKVWYERSLVLQKEADSLCTFIDDLKLAIARESDGKDAKVNDIRRKDNLDASSVVMLNPINGKGSTLRKEVDKFRELV
ATLMTDKAKLKLIEQALNTESGTKGKSWESSLFENMPTVAAITLLTKLQSDVRYAQGEVLADLVKSVDVGDYRVNSITAQ
VIPQSQIVMSGDTYKANIVLSSVDTTQRPDVFVNGKLLSPENMGLFTATAGAPGTYPVKGYIEMMGNDGVKIRRDFESEY
FVTEPMASVAPTMMNVLYAGIDNPINIAVPGVAQQNVSATINNGTLTRRGNLWIARPTKVGSEAIISVTAQSGGRTIQMA
KTTLRVRALPDPLPYIEYKDVQGNTKRFKGGRLGKREILAAGGIKAALDDDLLEVNYTVVKFQLVFYDSMGNSIPEVSDG
ASFSERQKRQIQNLGKGKRFYVTEVIARGPDGIERKIPAIEVIVNLEHHHHHH
;
_entity_poly.pdbx_strand_id   A,B
#
# COMPACT_ATOMS: atom_id res chain seq x y z
N SER A 41 -15.84 46.35 -64.96
CA SER A 41 -15.01 47.39 -64.36
C SER A 41 -14.90 47.20 -62.84
N GLU A 42 -15.92 47.66 -62.11
CA GLU A 42 -15.95 47.53 -60.66
C GLU A 42 -16.10 46.07 -60.23
N VAL A 43 -16.65 45.22 -61.09
CA VAL A 43 -16.71 43.79 -60.80
C VAL A 43 -15.30 43.25 -60.57
N LEU A 44 -14.30 43.82 -61.24
CA LEU A 44 -12.92 43.47 -60.95
C LEU A 44 -12.40 44.19 -59.72
N ASP A 45 -12.96 45.37 -59.41
CA ASP A 45 -12.57 46.05 -58.18
C ASP A 45 -12.87 45.19 -56.97
N GLY A 46 -14.00 44.48 -56.99
CA GLY A 46 -14.31 43.58 -55.88
C GLY A 46 -13.31 42.44 -55.74
N PHE A 47 -12.97 41.80 -56.87
CA PHE A 47 -12.02 40.70 -56.83
C PHE A 47 -10.65 41.18 -56.38
N ASP A 48 -10.24 42.36 -56.83
CA ASP A 48 -8.95 42.89 -56.41
C ASP A 48 -8.97 43.34 -54.95
N LYS A 49 -10.13 43.72 -54.42
CA LYS A 49 -10.21 43.98 -52.98
C LYS A 49 -10.05 42.69 -52.20
N VAL A 50 -10.65 41.60 -52.68
CA VAL A 50 -10.42 40.30 -52.06
C VAL A 50 -8.94 39.94 -52.10
N ASP A 51 -8.28 40.23 -53.22
CA ASP A 51 -6.85 39.96 -53.35
C ASP A 51 -6.04 40.82 -52.38
N LYS A 52 -6.43 42.09 -52.21
CA LYS A 52 -5.74 42.96 -51.25
C LYS A 52 -5.89 42.43 -49.84
N SER A 53 -7.09 41.97 -49.48
CA SER A 53 -7.29 41.37 -48.16
C SER A 53 -6.41 40.14 -47.98
N LEU A 54 -6.33 39.29 -49.01
CA LEU A 54 -5.47 38.12 -48.93
C LEU A 54 -4.01 38.50 -48.76
N THR A 55 -3.55 39.52 -49.49
CA THR A 55 -2.16 39.94 -49.38
C THR A 55 -1.86 40.54 -48.01
N SER A 56 -2.80 41.29 -47.45
CA SER A 56 -2.60 41.83 -46.10
C SER A 56 -2.54 40.71 -45.07
N SER A 57 -3.41 39.70 -45.20
CA SER A 57 -3.36 38.57 -44.29
C SER A 57 -2.05 37.79 -44.46
N ILE A 58 -1.55 37.69 -45.68
CA ILE A 58 -0.28 37.00 -45.91
C ILE A 58 0.86 37.76 -45.26
N ASP A 59 0.88 39.09 -45.41
CA ASP A 59 1.89 39.91 -44.75
C ASP A 59 1.84 39.69 -43.24
N GLY A 60 0.64 39.71 -42.66
CA GLY A 60 0.51 39.50 -41.23
C GLY A 60 1.03 38.15 -40.79
N SER A 61 0.61 37.09 -41.47
CA SER A 61 1.01 35.73 -41.06
C SER A 61 2.50 35.50 -41.29
N ASP A 62 3.06 36.08 -42.35
CA ASP A 62 4.48 35.89 -42.62
C ASP A 62 5.33 36.66 -41.62
N LYS A 63 4.87 37.82 -41.15
CA LYS A 63 5.57 38.49 -40.06
C LYS A 63 5.34 37.79 -38.74
N ARG A 64 4.23 37.06 -38.60
CA ARG A 64 3.96 36.33 -37.37
C ARG A 64 4.87 35.12 -37.23
N ASN A 65 5.07 34.36 -38.32
CA ASN A 65 5.94 33.19 -38.25
C ASN A 65 7.37 33.57 -37.90
N ASN A 66 7.81 34.76 -38.32
CA ASN A 66 9.15 35.22 -37.98
C ASN A 66 9.32 35.37 -36.47
N LEU A 67 8.25 35.75 -35.76
CA LEU A 67 8.36 35.89 -34.30
C LEU A 67 8.58 34.54 -33.63
N VAL A 68 7.87 33.50 -34.10
CA VAL A 68 8.08 32.17 -33.53
C VAL A 68 9.47 31.65 -33.88
N LEU A 69 9.94 31.93 -35.09
CA LEU A 69 11.31 31.54 -35.44
C LEU A 69 12.34 32.27 -34.59
N SER A 70 12.07 33.52 -34.26
CA SER A 70 12.97 34.29 -33.39
C SER A 70 12.97 33.74 -31.97
N GLU A 71 11.80 33.32 -31.49
CA GLU A 71 11.73 32.65 -30.19
C GLU A 71 12.57 31.37 -30.22
N LEU A 72 12.50 30.62 -31.32
CA LEU A 72 13.31 29.41 -31.44
C LEU A 72 14.80 29.75 -31.46
N ASN A 73 15.18 30.86 -32.09
CA ASN A 73 16.58 31.27 -32.11
C ASN A 73 17.07 31.62 -30.70
N THR A 74 16.28 32.42 -29.97
CA THR A 74 16.66 32.76 -28.60
C THR A 74 16.74 31.52 -27.72
N ALA A 75 15.84 30.55 -27.94
CA ALA A 75 15.90 29.29 -27.19
C ALA A 75 17.07 28.42 -27.62
N TYR A 76 17.53 28.57 -28.86
CA TYR A 76 18.74 27.87 -29.30
C TYR A 76 19.96 28.44 -28.60
N ARG A 77 20.00 29.75 -28.40
CA ARG A 77 21.16 30.33 -27.72
C ARG A 77 21.27 29.93 -26.25
N THR A 78 20.33 29.16 -25.71
CA THR A 78 20.31 28.82 -24.29
C THR A 78 20.75 27.40 -24.01
N ASN A 79 20.08 26.41 -24.61
CA ASN A 79 20.37 25.00 -24.37
C ASN A 79 20.32 24.25 -25.70
N PRO A 80 21.37 24.35 -26.52
CA PRO A 80 21.36 23.72 -27.84
C PRO A 80 21.87 22.27 -27.81
N GLU A 81 21.23 21.44 -26.99
CA GLU A 81 21.49 20.01 -26.99
C GLU A 81 20.45 19.23 -27.78
N LYS A 82 19.16 19.56 -27.60
CA LYS A 82 18.11 19.04 -28.44
C LYS A 82 17.35 20.11 -29.20
N VAL A 83 17.48 21.38 -28.81
CA VAL A 83 16.87 22.48 -29.57
C VAL A 83 17.51 22.60 -30.96
N LYS A 84 18.71 22.04 -31.14
CA LYS A 84 19.33 22.04 -32.46
C LYS A 84 18.45 21.38 -33.50
N VAL A 85 17.86 20.23 -33.16
CA VAL A 85 17.05 19.48 -34.13
C VAL A 85 15.82 20.28 -34.53
N TRP A 86 15.12 20.85 -33.55
CA TRP A 86 13.93 21.63 -33.85
C TRP A 86 14.27 22.88 -34.64
N TYR A 87 15.38 23.54 -34.29
CA TYR A 87 15.80 24.72 -35.03
C TYR A 87 16.13 24.38 -36.49
N GLU A 88 16.82 23.26 -36.71
CA GLU A 88 17.18 22.87 -38.07
C GLU A 88 15.93 22.49 -38.88
N ARG A 89 14.98 21.79 -38.26
CA ARG A 89 13.74 21.46 -38.96
C ARG A 89 12.95 22.72 -39.27
N SER A 90 12.96 23.70 -38.36
CA SER A 90 12.30 24.98 -38.64
C SER A 90 12.97 25.72 -39.78
N LEU A 91 14.31 25.66 -39.84
CA LEU A 91 15.02 26.31 -40.94
C LEU A 91 14.70 25.65 -42.27
N VAL A 92 14.62 24.32 -42.29
CA VAL A 92 14.25 23.61 -43.52
C VAL A 92 12.83 23.98 -43.93
N LEU A 93 11.92 24.09 -42.95
CA LEU A 93 10.56 24.51 -43.25
C LEU A 93 10.54 25.91 -43.85
N GLN A 94 11.31 26.82 -43.28
CA GLN A 94 11.40 28.17 -43.83
C GLN A 94 11.91 28.14 -45.26
N LYS A 95 12.99 27.40 -45.50
CA LYS A 95 13.54 27.25 -46.85
C LYS A 95 12.47 26.82 -47.83
N GLU A 96 11.80 25.71 -47.55
CA GLU A 96 10.87 25.14 -48.52
C GLU A 96 9.63 26.01 -48.70
N ALA A 97 9.11 26.58 -47.60
CA ALA A 97 7.93 27.43 -47.71
C ALA A 97 8.23 28.70 -48.50
N ASP A 98 9.37 29.35 -48.22
CA ASP A 98 9.73 30.53 -48.98
C ASP A 98 10.03 30.19 -50.44
N SER A 99 10.57 29.00 -50.70
CA SER A 99 10.79 28.57 -52.08
C SER A 99 9.47 28.47 -52.82
N LEU A 100 8.49 27.78 -52.23
CA LEU A 100 7.19 27.63 -52.88
C LEU A 100 6.50 28.98 -53.06
N CYS A 101 6.61 29.86 -52.05
CA CYS A 101 5.94 31.15 -52.14
C CYS A 101 6.60 32.06 -53.18
N THR A 102 7.92 31.99 -53.32
CA THR A 102 8.58 32.74 -54.39
C THR A 102 8.23 32.17 -55.76
N PHE A 103 8.09 30.84 -55.84
CA PHE A 103 7.60 30.23 -57.08
C PHE A 103 6.24 30.80 -57.45
N ILE A 104 5.33 30.90 -56.48
CA ILE A 104 3.99 31.41 -56.77
C ILE A 104 4.02 32.91 -57.05
N ASP A 105 4.94 33.66 -56.43
CA ASP A 105 5.12 35.07 -56.78
C ASP A 105 5.51 35.22 -58.25
N ASP A 106 6.50 34.43 -58.68
CA ASP A 106 6.90 34.48 -60.09
C ASP A 106 5.77 34.00 -61.00
N LEU A 107 4.96 33.05 -60.55
CA LEU A 107 3.82 32.61 -61.35
C LEU A 107 2.79 33.71 -61.50
N LYS A 108 2.52 34.46 -60.43
CA LYS A 108 1.61 35.60 -60.51
C LYS A 108 2.16 36.65 -61.48
N LEU A 109 3.47 36.91 -61.41
CA LEU A 109 4.06 37.87 -62.32
C LEU A 109 3.97 37.40 -63.77
N ALA A 110 4.16 36.10 -64.00
CA ALA A 110 4.09 35.57 -65.36
C ALA A 110 2.66 35.56 -65.90
N ILE A 111 1.68 35.37 -65.03
CA ILE A 111 0.29 35.46 -65.46
C ILE A 111 -0.08 36.90 -65.77
N ALA A 112 0.39 37.84 -64.95
CA ALA A 112 0.09 39.26 -65.18
C ALA A 112 0.76 39.77 -66.44
N ARG A 113 1.98 39.29 -66.73
CA ARG A 113 2.67 39.75 -67.94
C ARG A 113 2.05 39.17 -69.20
N GLU A 114 1.46 37.99 -69.12
CA GLU A 114 0.79 37.37 -70.26
C GLU A 114 -0.56 38.06 -70.60
N SER A 115 -0.89 39.15 -69.91
CA SER A 115 -2.09 39.93 -70.24
C SER A 115 -1.69 41.22 -70.94
N ASP A 116 -1.21 42.19 -70.17
CA ASP A 116 -0.82 43.49 -70.73
C ASP A 116 0.55 43.39 -71.40
N GLY A 117 1.60 43.37 -70.60
CA GLY A 117 2.94 43.28 -71.14
C GLY A 117 3.96 43.08 -70.06
N LYS A 118 5.23 43.34 -70.40
CA LYS A 118 6.30 43.20 -69.42
C LYS A 118 6.16 44.21 -68.29
N ASP A 119 5.78 45.45 -68.62
CA ASP A 119 5.57 46.50 -67.61
C ASP A 119 4.10 46.50 -67.22
N ALA A 120 3.75 45.57 -66.32
CA ALA A 120 2.40 45.46 -65.80
C ALA A 120 2.47 45.06 -64.34
N LYS A 121 1.50 45.55 -63.56
CA LYS A 121 1.48 45.28 -62.13
C LYS A 121 0.98 43.86 -61.88
N VAL A 122 0.76 43.52 -60.61
CA VAL A 122 0.16 42.25 -60.22
C VAL A 122 -1.12 42.46 -59.41
N ASN A 123 -1.54 43.72 -59.21
CA ASN A 123 -2.68 44.03 -58.37
C ASN A 123 -3.86 44.52 -59.21
N ASP A 124 -3.77 45.71 -59.79
CA ASP A 124 -4.90 46.31 -60.50
C ASP A 124 -4.72 46.15 -62.01
N ILE A 125 -4.84 44.90 -62.46
CA ILE A 125 -4.77 44.59 -63.88
C ILE A 125 -5.97 45.18 -64.60
N ARG A 126 -5.76 45.58 -65.85
CA ARG A 126 -6.80 46.22 -66.65
C ARG A 126 -7.74 45.18 -67.26
N ARG A 127 -9.04 45.48 -67.22
CA ARG A 127 -10.11 44.68 -67.85
C ARG A 127 -10.08 43.27 -67.26
N LYS A 128 -10.25 42.23 -68.07
CA LYS A 128 -10.43 40.88 -67.56
C LYS A 128 -10.08 39.90 -68.67
N ASP A 129 -8.96 39.19 -68.51
CA ASP A 129 -8.57 38.13 -69.44
C ASP A 129 -9.16 36.81 -68.94
N ASN A 130 -10.45 36.62 -69.23
CA ASN A 130 -11.18 35.44 -68.76
C ASN A 130 -10.91 34.20 -69.60
N LEU A 131 -9.95 34.25 -70.52
CA LEU A 131 -9.57 33.09 -71.33
C LEU A 131 -8.10 33.12 -71.72
N ASP A 132 -7.50 34.31 -71.77
CA ASP A 132 -6.20 34.49 -72.41
C ASP A 132 -5.05 33.88 -71.62
N ALA A 133 -4.70 34.48 -70.49
CA ALA A 133 -3.40 34.21 -69.87
C ALA A 133 -3.43 33.08 -68.83
N SER A 134 -4.48 33.02 -68.00
CA SER A 134 -4.48 32.08 -66.89
C SER A 134 -4.39 30.64 -67.37
N SER A 135 -5.01 30.32 -68.51
CA SER A 135 -4.96 28.97 -69.02
C SER A 135 -3.69 28.70 -69.82
N VAL A 136 -3.21 29.69 -70.57
CA VAL A 136 -2.02 29.50 -71.38
C VAL A 136 -0.77 29.35 -70.51
N VAL A 137 -0.76 29.98 -69.34
CA VAL A 137 0.42 29.87 -68.49
C VAL A 137 0.45 28.53 -67.75
N MET A 138 -0.72 28.06 -67.29
CA MET A 138 -0.79 26.90 -66.41
C MET A 138 -1.20 25.61 -67.13
N LEU A 139 -1.46 25.66 -68.43
CA LEU A 139 -1.91 24.47 -69.15
C LEU A 139 -1.21 24.26 -70.49
N ASN A 140 -0.26 25.11 -70.87
CA ASN A 140 0.43 24.95 -72.14
C ASN A 140 1.20 23.63 -72.15
N PRO A 141 0.85 22.70 -73.04
CA PRO A 141 1.52 21.37 -73.01
C PRO A 141 3.01 21.43 -73.24
N ILE A 142 3.55 22.55 -73.72
CA ILE A 142 4.99 22.69 -73.95
C ILE A 142 5.67 23.01 -72.61
N ASN A 143 5.44 24.22 -72.11
CA ASN A 143 6.00 24.63 -70.81
C ASN A 143 4.89 24.60 -69.75
N GLY A 144 4.48 23.37 -69.43
CA GLY A 144 3.41 23.18 -68.46
C GLY A 144 3.84 23.58 -67.07
N LYS A 145 3.13 24.54 -66.46
CA LYS A 145 3.44 25.00 -65.12
C LYS A 145 2.46 24.51 -64.06
N GLY A 146 1.27 24.08 -64.46
CA GLY A 146 0.33 23.56 -63.48
C GLY A 146 0.83 22.31 -62.79
N SER A 147 1.37 21.37 -63.56
CA SER A 147 1.93 20.15 -62.98
C SER A 147 3.12 20.47 -62.08
N THR A 148 3.94 21.45 -62.48
CA THR A 148 5.10 21.82 -61.66
C THR A 148 4.66 22.42 -60.33
N LEU A 149 3.67 23.33 -60.35
CA LEU A 149 3.16 23.89 -59.11
C LEU A 149 2.53 22.81 -58.23
N ARG A 150 1.78 21.89 -58.85
CA ARG A 150 1.17 20.81 -58.10
C ARG A 150 2.22 19.94 -57.42
N LYS A 151 3.30 19.61 -58.14
CA LYS A 151 4.33 18.76 -57.56
C LYS A 151 5.13 19.49 -56.50
N GLU A 152 5.30 20.81 -56.63
CA GLU A 152 5.93 21.57 -55.55
C GLU A 152 5.07 21.57 -54.29
N VAL A 153 3.76 21.75 -54.46
CA VAL A 153 2.85 21.65 -53.32
C VAL A 153 2.92 20.26 -52.69
N ASP A 154 3.04 19.23 -53.53
CA ASP A 154 3.15 17.87 -53.00
C ASP A 154 4.44 17.69 -52.20
N LYS A 155 5.56 18.22 -52.71
CA LYS A 155 6.81 18.17 -51.97
C LYS A 155 6.67 18.84 -50.61
N PHE A 156 6.06 20.03 -50.58
CA PHE A 156 5.89 20.72 -49.31
C PHE A 156 4.99 19.95 -48.35
N ARG A 157 3.93 19.33 -48.88
CA ARG A 157 3.01 18.59 -48.04
C ARG A 157 3.68 17.37 -47.41
N GLU A 158 4.46 16.63 -48.21
CA GLU A 158 5.17 15.47 -47.66
C GLU A 158 6.26 15.90 -46.69
N LEU A 159 6.93 17.03 -46.96
CA LEU A 159 7.87 17.58 -45.99
C LEU A 159 7.18 17.87 -44.66
N VAL A 160 5.99 18.46 -44.71
CA VAL A 160 5.22 18.70 -43.49
C VAL A 160 4.92 17.39 -42.79
N ALA A 161 4.57 16.36 -43.57
CA ALA A 161 4.37 15.03 -42.98
C ALA A 161 5.62 14.54 -42.26
N THR A 162 6.81 14.90 -42.75
CA THR A 162 8.05 14.49 -42.09
C THR A 162 8.46 15.39 -40.93
N LEU A 163 8.01 16.64 -40.89
CA LEU A 163 8.50 17.59 -39.90
C LEU A 163 7.66 17.64 -38.63
N MET A 164 6.33 17.56 -38.77
CA MET A 164 5.43 17.68 -37.64
C MET A 164 5.40 16.36 -36.87
N THR A 165 5.98 16.35 -35.66
CA THR A 165 6.06 15.10 -34.90
C THR A 165 4.75 14.81 -34.16
N ASP A 166 4.45 15.58 -33.12
CA ASP A 166 3.23 15.38 -32.36
C ASP A 166 2.03 15.95 -33.13
N LYS A 167 0.83 15.76 -32.56
CA LYS A 167 -0.40 16.22 -33.18
C LYS A 167 -0.56 15.66 -34.59
N ALA A 168 -0.36 14.35 -34.72
CA ALA A 168 -0.67 13.68 -35.98
C ALA A 168 -2.15 13.79 -36.32
N LYS A 169 -2.99 14.04 -35.31
CA LYS A 169 -4.39 14.33 -35.57
C LYS A 169 -4.55 15.62 -36.36
N LEU A 170 -3.69 16.61 -36.08
CA LEU A 170 -3.72 17.88 -36.80
C LEU A 170 -2.96 17.81 -38.11
N LYS A 171 -2.10 16.80 -38.29
CA LYS A 171 -1.41 16.63 -39.57
C LYS A 171 -2.40 16.37 -40.70
N LEU A 172 -3.51 15.69 -40.41
CA LEU A 172 -4.53 15.47 -41.42
C LEU A 172 -5.20 16.79 -41.82
N ILE A 173 -5.42 17.69 -40.85
CA ILE A 173 -5.98 18.99 -41.17
C ILE A 173 -5.00 19.79 -42.02
N GLU A 174 -3.71 19.73 -41.68
CA GLU A 174 -2.71 20.43 -42.46
C GLU A 174 -2.58 19.85 -43.87
N GLN A 175 -2.82 18.55 -44.02
CA GLN A 175 -2.82 17.95 -45.36
C GLN A 175 -4.06 18.39 -46.15
N ALA A 176 -5.23 18.39 -45.50
CA ALA A 176 -6.44 18.84 -46.18
C ALA A 176 -6.35 20.31 -46.57
N LEU A 177 -5.58 21.10 -45.83
CA LEU A 177 -5.35 22.49 -46.22
C LEU A 177 -4.56 22.59 -47.52
N ASN A 178 -3.86 21.53 -47.91
CA ASN A 178 -3.15 21.48 -49.17
C ASN A 178 -3.64 20.32 -50.02
N THR A 179 -4.97 20.20 -50.18
CA THR A 179 -5.53 19.09 -50.91
C THR A 179 -5.16 19.17 -52.38
N GLU A 180 -4.85 18.01 -52.96
CA GLU A 180 -4.45 17.89 -54.36
C GLU A 180 -5.48 17.01 -55.08
N SER A 181 -6.65 17.58 -55.33
CA SER A 181 -7.73 16.87 -56.02
C SER A 181 -8.80 17.85 -56.48
N GLY A 182 -8.98 17.97 -57.80
CA GLY A 182 -9.94 18.89 -58.35
C GLY A 182 -11.37 18.40 -58.28
N THR A 183 -12.08 18.49 -59.40
CA THR A 183 -13.48 18.07 -59.48
C THR A 183 -13.65 17.14 -60.67
N LYS A 184 -14.19 15.95 -60.41
CA LYS A 184 -14.49 14.94 -61.45
C LYS A 184 -13.18 14.58 -62.14
N GLY A 185 -13.11 14.57 -63.49
CA GLY A 185 -11.89 14.17 -64.17
C GLY A 185 -10.86 15.25 -64.30
N LYS A 186 -11.23 16.50 -64.04
CA LYS A 186 -10.28 17.60 -64.12
C LYS A 186 -9.23 17.46 -63.03
N SER A 187 -7.97 17.67 -63.41
CA SER A 187 -6.87 17.61 -62.45
C SER A 187 -6.93 18.83 -61.52
N TRP A 188 -5.92 18.93 -60.65
CA TRP A 188 -5.89 20.04 -59.70
C TRP A 188 -5.70 21.37 -60.40
N GLU A 189 -4.73 21.44 -61.33
CA GLU A 189 -4.51 22.69 -62.06
C GLU A 189 -5.62 22.96 -63.07
N SER A 190 -6.27 21.91 -63.57
CA SER A 190 -7.28 22.04 -64.60
C SER A 190 -8.45 22.92 -64.16
N SER A 191 -9.22 22.45 -63.18
CA SER A 191 -10.39 23.20 -62.73
C SER A 191 -10.02 24.59 -62.22
N LEU A 192 -8.82 24.73 -61.64
CA LEU A 192 -8.42 26.01 -61.09
C LEU A 192 -7.99 27.01 -62.15
N PHE A 193 -7.50 26.54 -63.30
CA PHE A 193 -7.01 27.43 -64.35
C PHE A 193 -7.39 26.89 -65.73
N GLU A 194 -8.69 26.71 -65.98
CA GLU A 194 -9.17 26.29 -67.29
C GLU A 194 -9.79 27.45 -68.06
N ASN A 195 -10.88 28.03 -67.55
CA ASN A 195 -11.50 29.22 -68.12
C ASN A 195 -11.67 30.26 -67.01
N MET A 196 -10.53 30.71 -66.46
CA MET A 196 -10.52 31.60 -65.31
C MET A 196 -9.93 32.96 -65.68
N PRO A 197 -10.52 34.05 -65.21
CA PRO A 197 -9.92 35.37 -65.42
C PRO A 197 -8.56 35.48 -64.76
N THR A 198 -7.81 36.50 -65.20
CA THR A 198 -6.43 36.66 -64.71
C THR A 198 -6.41 37.05 -63.24
N VAL A 199 -7.23 38.02 -62.84
CA VAL A 199 -7.30 38.36 -61.43
C VAL A 199 -7.95 37.23 -60.64
N ALA A 200 -8.90 36.52 -61.25
CA ALA A 200 -9.51 35.37 -60.59
C ALA A 200 -8.52 34.23 -60.37
N ALA A 201 -7.42 34.20 -61.11
CA ALA A 201 -6.37 33.21 -60.90
C ALA A 201 -5.28 33.73 -59.96
N ILE A 202 -4.98 35.03 -60.05
CA ILE A 202 -4.03 35.64 -59.13
C ILE A 202 -4.55 35.56 -57.70
N THR A 203 -5.87 35.71 -57.53
CA THR A 203 -6.46 35.58 -56.20
C THR A 203 -6.33 34.16 -55.67
N LEU A 204 -6.53 33.16 -56.53
CA LEU A 204 -6.37 31.77 -56.11
C LEU A 204 -4.92 31.47 -55.74
N LEU A 205 -3.97 31.99 -56.52
CA LEU A 205 -2.55 31.79 -56.19
C LEU A 205 -2.18 32.49 -54.89
N THR A 206 -2.75 33.68 -54.65
CA THR A 206 -2.51 34.37 -53.39
C THR A 206 -3.08 33.59 -52.22
N LYS A 207 -4.26 32.97 -52.41
CA LYS A 207 -4.83 32.14 -51.36
C LYS A 207 -3.99 30.89 -51.12
N LEU A 208 -3.38 30.35 -52.17
CA LEU A 208 -2.46 29.23 -52.00
C LEU A 208 -1.24 29.65 -51.19
N GLN A 209 -0.69 30.83 -51.47
CA GLN A 209 0.40 31.37 -50.66
C GLN A 209 -0.03 31.51 -49.20
N SER A 210 -1.25 32.02 -48.97
CA SER A 210 -1.76 32.17 -47.62
C SER A 210 -1.87 30.83 -46.90
N ASP A 211 -2.33 29.81 -47.62
CA ASP A 211 -2.42 28.47 -47.01
C ASP A 211 -1.05 27.92 -46.69
N VAL A 212 -0.06 28.15 -47.56
CA VAL A 212 1.30 27.71 -47.27
C VAL A 212 1.82 28.41 -46.01
N ARG A 213 1.54 29.71 -45.88
CA ARG A 213 1.99 30.44 -44.70
C ARG A 213 1.34 29.94 -43.43
N TYR A 214 0.02 29.69 -43.47
CA TYR A 214 -0.67 29.18 -42.29
C TYR A 214 -0.16 27.79 -41.91
N ALA A 215 0.08 26.95 -42.91
CA ALA A 215 0.60 25.60 -42.64
C ALA A 215 1.98 25.68 -41.99
N GLN A 216 2.86 26.53 -42.52
CA GLN A 216 4.19 26.64 -41.93
C GLN A 216 4.13 27.24 -40.53
N GLY A 217 3.19 28.15 -40.28
CA GLY A 217 3.04 28.67 -38.93
C GLY A 217 2.60 27.60 -37.95
N GLU A 218 1.66 26.75 -38.36
CA GLU A 218 1.22 25.68 -37.48
C GLU A 218 2.33 24.65 -37.25
N VAL A 219 3.13 24.36 -38.28
CA VAL A 219 4.24 23.41 -38.09
C VAL A 219 5.29 24.01 -37.17
N LEU A 220 5.54 25.31 -37.29
CA LEU A 220 6.49 25.97 -36.39
C LEU A 220 5.99 25.94 -34.95
N ALA A 221 4.70 26.18 -34.75
CA ALA A 221 4.13 26.07 -33.41
C ALA A 221 4.26 24.66 -32.88
N ASP A 222 4.08 23.66 -33.75
CA ASP A 222 4.24 22.27 -33.33
C ASP A 222 5.67 21.99 -32.88
N LEU A 223 6.66 22.47 -33.64
CA LEU A 223 8.05 22.28 -33.24
C LEU A 223 8.35 22.97 -31.91
N VAL A 224 7.81 24.18 -31.72
CA VAL A 224 8.03 24.89 -30.46
C VAL A 224 7.41 24.14 -29.30
N LYS A 225 6.21 23.58 -29.49
CA LYS A 225 5.59 22.79 -28.44
C LYS A 225 6.32 21.48 -28.19
N SER A 226 6.96 20.93 -29.22
CA SER A 226 7.73 19.69 -29.07
C SER A 226 9.08 19.93 -28.40
N VAL A 227 9.59 21.15 -28.42
CA VAL A 227 10.78 21.46 -27.62
C VAL A 227 10.50 21.19 -26.14
N ASP A 228 9.25 21.33 -25.71
CA ASP A 228 8.84 21.12 -24.33
C ASP A 228 7.88 19.94 -24.27
N VAL A 229 8.43 18.72 -24.29
CA VAL A 229 7.62 17.51 -24.14
C VAL A 229 7.64 17.08 -22.68
N GLY A 230 8.72 16.42 -22.27
CA GLY A 230 8.87 16.00 -20.89
C GLY A 230 9.65 17.02 -20.09
N ASP A 231 9.00 18.12 -19.73
CA ASP A 231 9.63 19.23 -19.03
C ASP A 231 9.04 19.43 -17.64
N TYR A 232 8.70 18.32 -16.98
CA TYR A 232 8.14 18.31 -15.63
C TYR A 232 6.87 19.17 -15.56
N ARG A 233 5.80 18.59 -16.10
CA ARG A 233 4.49 19.19 -15.97
C ARG A 233 3.88 18.83 -14.62
N VAL A 234 2.97 19.67 -14.15
CA VAL A 234 2.15 19.37 -12.98
C VAL A 234 0.80 18.89 -13.48
N ASN A 235 0.43 17.67 -13.11
CA ASN A 235 -0.82 17.07 -13.59
C ASN A 235 -1.73 16.73 -12.43
N SER A 236 -1.39 15.74 -11.61
CA SER A 236 -2.23 15.36 -10.47
C SER A 236 -1.66 15.96 -9.20
N ILE A 237 -2.52 16.63 -8.43
CA ILE A 237 -2.18 17.15 -7.12
C ILE A 237 -3.17 16.54 -6.14
N THR A 238 -2.70 15.59 -5.33
CA THR A 238 -3.56 14.85 -4.43
C THR A 238 -3.16 15.08 -2.98
N ALA A 239 -4.12 14.83 -2.09
CA ALA A 239 -3.89 14.86 -0.65
C ALA A 239 -3.84 13.44 -0.13
N GLN A 240 -2.80 13.10 0.62
CA GLN A 240 -2.57 11.75 1.09
C GLN A 240 -2.32 11.75 2.59
N VAL A 241 -2.62 10.62 3.21
CA VAL A 241 -2.47 10.41 4.65
C VAL A 241 -1.46 9.29 4.83
N ILE A 242 -0.26 9.63 5.31
CA ILE A 242 0.78 8.66 5.61
C ILE A 242 0.63 8.27 7.09
N PRO A 243 0.16 7.07 7.41
CA PRO A 243 0.03 6.68 8.81
C PRO A 243 1.29 5.98 9.32
N GLN A 244 1.66 6.29 10.56
CA GLN A 244 2.73 5.55 11.23
C GLN A 244 2.33 4.10 11.41
N SER A 245 1.14 3.86 11.97
CA SER A 245 0.61 2.53 12.16
C SER A 245 -0.84 2.52 11.69
N GLN A 246 -1.13 1.72 10.67
CA GLN A 246 -2.50 1.57 10.19
C GLN A 246 -3.37 0.81 11.18
N ILE A 247 -2.78 0.17 12.19
CA ILE A 247 -3.49 -0.55 13.23
C ILE A 247 -2.91 -0.12 14.56
N VAL A 248 -3.78 0.38 15.45
CA VAL A 248 -3.36 0.82 16.78
C VAL A 248 -4.16 0.04 17.82
N MET A 249 -3.71 0.14 19.06
CA MET A 249 -4.36 -0.53 20.18
C MET A 249 -5.09 0.50 21.04
N SER A 250 -6.15 0.04 21.70
CA SER A 250 -6.95 0.92 22.55
C SER A 250 -6.09 1.52 23.65
N GLY A 251 -5.99 2.84 23.67
CA GLY A 251 -5.13 3.56 24.58
C GLY A 251 -3.85 4.08 23.94
N ASP A 252 -3.47 3.57 22.78
CA ASP A 252 -2.29 4.05 22.07
C ASP A 252 -2.65 5.33 21.32
N THR A 253 -1.73 5.80 20.49
CA THR A 253 -1.92 7.04 19.74
C THR A 253 -1.78 6.75 18.25
N TYR A 254 -2.80 7.16 17.48
CA TYR A 254 -2.72 7.11 16.03
C TYR A 254 -1.94 8.32 15.52
N LYS A 255 -0.94 8.07 14.69
CA LYS A 255 -0.08 9.11 14.14
C LYS A 255 -0.18 9.10 12.62
N ALA A 256 -0.63 10.21 12.05
CA ALA A 256 -0.83 10.32 10.61
C ALA A 256 -0.36 11.69 10.15
N ASN A 257 0.55 11.70 9.18
CA ASN A 257 1.03 12.92 8.55
C ASN A 257 0.25 13.11 7.25
N ILE A 258 -0.48 14.22 7.15
CA ILE A 258 -1.38 14.46 6.03
C ILE A 258 -0.74 15.52 5.14
N VAL A 259 -0.28 15.11 3.96
CA VAL A 259 0.51 15.98 3.09
C VAL A 259 -0.06 15.95 1.67
N LEU A 260 0.32 16.95 0.89
CA LEU A 260 -0.01 17.00 -0.52
C LEU A 260 1.20 16.61 -1.37
N SER A 261 0.93 16.19 -2.60
CA SER A 261 1.96 15.85 -3.56
C SER A 261 1.55 16.35 -4.93
N SER A 262 2.50 16.97 -5.64
CA SER A 262 2.28 17.52 -6.97
C SER A 262 3.24 16.84 -7.93
N VAL A 263 3.02 15.54 -8.15
CA VAL A 263 3.92 14.73 -8.95
C VAL A 263 3.45 14.71 -10.39
N ASP A 264 4.37 14.39 -11.30
CA ASP A 264 4.08 14.30 -12.73
C ASP A 264 3.84 12.85 -13.10
N THR A 265 2.71 12.58 -13.75
CA THR A 265 2.38 11.23 -14.20
C THR A 265 3.04 10.89 -15.54
N THR A 266 3.79 11.82 -16.13
CA THR A 266 4.45 11.59 -17.41
C THR A 266 5.92 11.21 -17.25
N GLN A 267 6.70 12.00 -16.52
CA GLN A 267 8.12 11.74 -16.40
C GLN A 267 8.38 10.55 -15.49
N ARG A 268 9.35 9.72 -15.88
CA ARG A 268 9.74 8.52 -15.15
C ARG A 268 11.17 8.71 -14.65
N PRO A 269 11.37 9.18 -13.42
CA PRO A 269 12.73 9.42 -12.93
C PRO A 269 13.39 8.14 -12.46
N ASP A 270 14.70 8.22 -12.27
CA ASP A 270 15.48 7.12 -11.71
C ASP A 270 15.45 7.22 -10.19
N VAL A 271 15.01 6.15 -9.53
CA VAL A 271 14.80 6.17 -8.09
C VAL A 271 15.73 5.14 -7.48
N PHE A 272 16.93 5.57 -7.10
CA PHE A 272 17.88 4.67 -6.43
C PHE A 272 17.51 4.57 -4.96
N VAL A 273 17.32 3.35 -4.47
CA VAL A 273 16.87 3.12 -3.11
C VAL A 273 17.65 1.96 -2.51
N ASN A 274 18.22 2.18 -1.32
CA ASN A 274 18.97 1.16 -0.59
C ASN A 274 20.00 0.47 -1.50
N GLY A 275 20.89 1.28 -2.03
CA GLY A 275 21.97 0.76 -2.88
C GLY A 275 21.65 0.47 -4.33
N LYS A 276 20.59 -0.30 -4.58
CA LYS A 276 20.25 -0.73 -5.92
C LYS A 276 19.15 0.13 -6.52
N LEU A 277 19.10 0.13 -7.85
CA LEU A 277 18.11 0.91 -8.57
C LEU A 277 16.77 0.19 -8.61
N LEU A 278 15.70 0.94 -8.42
CA LEU A 278 14.35 0.38 -8.53
C LEU A 278 14.03 0.13 -10.00
N SER A 279 13.43 -1.03 -10.26
CA SER A 279 13.08 -1.40 -11.63
C SER A 279 12.06 -0.43 -12.19
N PRO A 280 12.33 0.21 -13.33
CA PRO A 280 11.38 1.21 -13.86
C PRO A 280 10.00 0.67 -14.17
N GLU A 281 9.81 -0.66 -14.18
CA GLU A 281 8.49 -1.23 -14.39
C GLU A 281 7.60 -1.09 -13.16
N ASN A 282 8.12 -0.61 -12.04
CA ASN A 282 7.34 -0.43 -10.82
C ASN A 282 6.64 0.92 -10.74
N MET A 283 6.99 1.86 -11.63
CA MET A 283 6.41 3.20 -11.62
C MET A 283 6.65 3.90 -10.29
N GLY A 284 7.87 3.76 -9.76
CA GLY A 284 8.21 4.36 -8.49
C GLY A 284 7.42 3.78 -7.34
N LEU A 285 7.69 2.52 -6.98
CA LEU A 285 6.95 1.83 -5.93
C LEU A 285 7.92 0.84 -5.27
N PHE A 286 8.59 1.30 -4.23
CA PHE A 286 9.53 0.46 -3.49
C PHE A 286 8.77 -0.63 -2.74
N THR A 287 9.13 -1.89 -3.00
CA THR A 287 8.50 -3.04 -2.37
C THR A 287 9.56 -3.86 -1.67
N ALA A 288 9.38 -4.09 -0.37
CA ALA A 288 10.31 -4.88 0.43
C ALA A 288 9.51 -5.72 1.41
N THR A 289 9.76 -7.02 1.41
CA THR A 289 9.08 -7.93 2.32
C THR A 289 9.68 -7.80 3.72
N ALA A 290 8.80 -7.70 4.72
CA ALA A 290 9.25 -7.51 6.10
C ALA A 290 9.88 -8.79 6.62
N GLY A 291 11.20 -8.78 6.78
CA GLY A 291 11.90 -9.96 7.28
C GLY A 291 11.90 -10.05 8.79
N ALA A 292 13.08 -10.21 9.38
CA ALA A 292 13.17 -10.31 10.83
C ALA A 292 12.83 -8.97 11.48
N PRO A 293 12.36 -8.98 12.72
CA PRO A 293 12.00 -7.72 13.39
C PRO A 293 13.18 -6.76 13.47
N GLY A 294 12.86 -5.48 13.53
CA GLY A 294 13.86 -4.43 13.56
C GLY A 294 13.33 -3.16 12.94
N THR A 295 14.27 -2.30 12.54
CA THR A 295 13.98 -0.97 11.99
C THR A 295 14.76 -0.85 10.68
N TYR A 296 14.16 -1.29 9.57
CA TYR A 296 14.93 -1.24 8.33
C TYR A 296 14.84 0.15 7.71
N PRO A 297 15.95 0.70 7.23
CA PRO A 297 15.94 2.03 6.61
C PRO A 297 15.60 1.95 5.12
N VAL A 298 15.16 3.10 4.60
CA VAL A 298 14.92 3.29 3.18
C VAL A 298 15.60 4.61 2.82
N LYS A 299 16.82 4.53 2.29
CA LYS A 299 17.61 5.70 1.97
C LYS A 299 18.02 5.65 0.51
N GLY A 300 18.06 6.80 -0.14
CA GLY A 300 18.47 6.86 -1.53
C GLY A 300 18.30 8.23 -2.14
N TYR A 301 18.13 8.28 -3.46
CA TYR A 301 17.96 9.55 -4.13
C TYR A 301 17.20 9.36 -5.43
N ILE A 302 16.50 10.41 -5.85
CA ILE A 302 15.81 10.44 -7.14
C ILE A 302 16.60 11.36 -8.06
N GLU A 303 16.92 10.86 -9.24
CA GLU A 303 17.64 11.60 -10.27
C GLU A 303 16.71 11.72 -11.48
N MET A 304 16.48 12.96 -11.91
CA MET A 304 15.53 13.24 -12.99
C MET A 304 16.18 14.16 -14.01
N MET A 305 16.02 13.83 -15.29
CA MET A 305 16.50 14.68 -16.36
C MET A 305 15.65 15.95 -16.42
N GLY A 306 16.22 17.07 -16.01
CA GLY A 306 15.48 18.32 -15.99
C GLY A 306 15.14 18.81 -17.38
N ASN A 307 14.36 19.89 -17.41
CA ASN A 307 13.95 20.49 -18.68
C ASN A 307 15.05 21.33 -19.32
N ASP A 308 16.05 21.74 -18.54
CA ASP A 308 17.16 22.52 -19.07
C ASP A 308 18.34 21.65 -19.50
N GLY A 309 18.11 20.35 -19.68
CA GLY A 309 19.14 19.43 -20.12
C GLY A 309 19.95 18.80 -19.01
N VAL A 310 20.14 19.50 -17.90
CA VAL A 310 20.93 18.97 -16.79
C VAL A 310 20.05 18.08 -15.93
N LYS A 311 20.69 17.13 -15.23
CA LYS A 311 20.00 16.22 -14.33
C LYS A 311 19.99 16.80 -12.92
N ILE A 312 18.82 16.79 -12.29
CA ILE A 312 18.66 17.25 -10.91
C ILE A 312 18.35 16.06 -10.04
N ARG A 313 18.97 16.01 -8.86
CA ARG A 313 18.80 14.89 -7.94
C ARG A 313 18.45 15.40 -6.56
N ARG A 314 17.57 14.67 -5.88
CA ARG A 314 17.16 14.97 -4.52
C ARG A 314 17.31 13.71 -3.68
N ASP A 315 18.06 13.81 -2.59
CA ASP A 315 18.29 12.68 -1.70
C ASP A 315 17.18 12.61 -0.66
N PHE A 316 16.74 11.40 -0.35
CA PHE A 316 15.70 11.15 0.64
C PHE A 316 16.15 10.04 1.57
N GLU A 317 15.62 10.06 2.79
CA GLU A 317 15.98 9.08 3.80
C GLU A 317 14.84 8.95 4.79
N SER A 318 14.39 7.71 5.03
CA SER A 318 13.29 7.44 5.95
C SER A 318 13.52 6.06 6.55
N GLU A 319 12.58 5.64 7.39
CA GLU A 319 12.68 4.39 8.12
C GLU A 319 11.34 3.67 8.09
N TYR A 320 11.38 2.34 8.09
CA TYR A 320 10.17 1.54 8.25
C TYR A 320 10.45 0.44 9.26
N PHE A 321 9.57 0.33 10.24
CA PHE A 321 9.72 -0.61 11.35
C PHE A 321 8.98 -1.90 11.04
N VAL A 322 9.43 -2.99 11.64
CA VAL A 322 8.79 -4.28 11.48
C VAL A 322 8.66 -4.93 12.86
N THR A 323 7.55 -5.64 13.06
CA THR A 323 7.26 -6.36 14.29
C THR A 323 6.85 -7.79 13.94
N GLU A 324 6.58 -8.60 14.96
CA GLU A 324 6.05 -9.93 14.74
C GLU A 324 4.78 -10.11 15.54
N PRO A 325 3.76 -10.77 14.98
CA PRO A 325 2.42 -10.70 15.57
C PRO A 325 2.15 -11.76 16.64
N MET A 326 0.92 -11.74 17.15
CA MET A 326 0.61 -12.49 18.37
C MET A 326 0.48 -13.98 18.10
N ALA A 327 1.07 -14.77 18.99
CA ALA A 327 0.75 -16.18 19.15
C ALA A 327 0.34 -16.41 20.60
N SER A 328 -0.96 -16.31 20.89
CA SER A 328 -1.50 -16.72 22.19
C SER A 328 -1.77 -18.22 22.16
N VAL A 329 -0.68 -18.97 22.02
CA VAL A 329 -0.73 -20.43 21.99
C VAL A 329 -0.40 -20.90 23.40
N ALA A 330 -1.42 -21.07 24.22
CA ALA A 330 -1.25 -21.48 25.61
C ALA A 330 -2.04 -22.75 25.87
N PRO A 331 -1.38 -23.89 26.06
CA PRO A 331 -2.11 -25.08 26.53
C PRO A 331 -2.86 -24.76 27.82
N THR A 332 -4.11 -25.21 27.89
CA THR A 332 -5.00 -24.84 28.99
C THR A 332 -4.52 -25.34 30.36
N MET A 333 -3.34 -25.94 30.45
CA MET A 333 -2.77 -26.36 31.72
C MET A 333 -1.52 -25.58 32.07
N MET A 334 -1.23 -24.49 31.36
CA MET A 334 -0.14 -23.60 31.73
C MET A 334 -0.50 -22.70 32.90
N ASN A 335 -1.77 -22.33 33.00
CA ASN A 335 -2.22 -21.30 33.93
C ASN A 335 -2.16 -21.74 35.39
N VAL A 336 -1.04 -22.33 35.81
CA VAL A 336 -0.86 -22.73 37.20
C VAL A 336 0.45 -22.14 37.70
N LEU A 337 0.38 -21.42 38.82
CA LEU A 337 1.55 -20.88 39.51
C LEU A 337 1.67 -21.56 40.86
N TYR A 338 2.89 -21.96 41.22
CA TYR A 338 3.13 -22.67 42.45
C TYR A 338 3.44 -21.69 43.58
N ALA A 339 2.76 -21.86 44.71
CA ALA A 339 2.96 -20.98 45.85
C ALA A 339 4.28 -21.30 46.55
N GLY A 340 5.05 -20.26 46.84
CA GLY A 340 6.32 -20.43 47.53
C GLY A 340 7.52 -20.31 46.62
N ILE A 341 7.59 -21.14 45.58
CA ILE A 341 8.73 -21.13 44.67
C ILE A 341 8.57 -20.02 43.64
N ASP A 342 9.69 -19.52 43.16
CA ASP A 342 9.69 -18.46 42.16
C ASP A 342 9.22 -19.00 40.81
N ASN A 343 8.11 -18.46 40.30
CA ASN A 343 7.61 -18.88 39.01
C ASN A 343 8.08 -17.92 37.94
N PRO A 344 8.92 -18.34 36.99
CA PRO A 344 9.37 -17.42 35.93
C PRO A 344 8.32 -17.30 34.84
N ILE A 345 7.93 -16.05 34.56
CA ILE A 345 6.93 -15.73 33.55
C ILE A 345 7.59 -14.88 32.47
N ASN A 346 7.12 -15.05 31.23
CA ASN A 346 7.59 -14.29 30.07
C ASN A 346 6.43 -13.46 29.55
N ILE A 347 6.50 -12.15 29.77
CA ILE A 347 5.47 -11.21 29.34
C ILE A 347 6.04 -10.39 28.19
N ALA A 348 5.32 -10.36 27.07
CA ALA A 348 5.81 -9.71 25.86
C ALA A 348 4.67 -9.03 25.13
N VAL A 349 4.99 -7.91 24.49
CA VAL A 349 4.04 -7.09 23.73
C VAL A 349 4.70 -6.74 22.40
N PRO A 350 3.98 -6.82 21.28
CA PRO A 350 4.63 -6.62 19.97
C PRO A 350 4.98 -5.16 19.74
N GLY A 351 6.24 -4.90 19.42
CA GLY A 351 6.74 -3.54 19.23
C GLY A 351 7.29 -2.90 20.49
N VAL A 352 6.57 -3.03 21.61
CA VAL A 352 7.02 -2.45 22.87
C VAL A 352 8.25 -3.20 23.35
N ALA A 353 9.29 -2.45 23.73
CA ALA A 353 10.55 -3.03 24.16
C ALA A 353 10.39 -3.74 25.49
N GLN A 354 11.50 -4.26 26.00
CA GLN A 354 11.47 -5.04 27.24
C GLN A 354 11.41 -4.17 28.49
N GLN A 355 11.87 -2.92 28.41
CA GLN A 355 11.91 -2.04 29.58
C GLN A 355 10.69 -1.13 29.68
N ASN A 356 9.68 -1.35 28.84
CA ASN A 356 8.44 -0.58 28.92
C ASN A 356 7.25 -1.41 29.38
N VAL A 357 7.28 -2.72 29.17
CA VAL A 357 6.23 -3.58 29.70
C VAL A 357 6.39 -3.68 31.22
N SER A 358 5.37 -3.24 31.94
CA SER A 358 5.38 -3.26 33.40
C SER A 358 4.07 -3.89 33.87
N ALA A 359 4.18 -5.07 34.48
CA ALA A 359 3.02 -5.84 34.90
C ALA A 359 2.95 -5.90 36.42
N THR A 360 1.73 -6.01 36.93
CA THR A 360 1.45 -6.14 38.36
C THR A 360 0.78 -7.47 38.62
N ILE A 361 0.38 -7.69 39.88
CA ILE A 361 -0.32 -8.90 40.28
C ILE A 361 -1.03 -8.61 41.59
N ASN A 362 -2.09 -9.36 41.88
CA ASN A 362 -2.88 -9.16 43.08
C ASN A 362 -2.63 -10.21 44.15
N ASN A 363 -2.37 -11.46 43.77
CA ASN A 363 -2.19 -12.56 44.71
C ASN A 363 -0.72 -12.95 44.71
N GLY A 364 0.09 -12.20 45.48
CA GLY A 364 1.49 -12.51 45.66
C GLY A 364 2.38 -11.35 45.25
N THR A 365 3.50 -11.67 44.61
CA THR A 365 4.53 -10.68 44.26
C THR A 365 5.02 -10.95 42.86
N LEU A 366 5.07 -9.91 42.02
CA LEU A 366 5.58 -10.00 40.66
C LEU A 366 6.71 -9.00 40.49
N THR A 367 7.92 -9.51 40.22
CA THR A 367 9.11 -8.68 40.15
C THR A 367 9.88 -8.95 38.86
N ARG A 368 10.37 -7.89 38.24
CA ARG A 368 11.19 -8.03 37.04
C ARG A 368 12.57 -8.61 37.40
N ARG A 369 13.23 -9.17 36.39
CA ARG A 369 14.57 -9.72 36.57
C ARG A 369 15.25 -9.90 35.22
N GLY A 370 15.72 -8.81 34.63
CA GLY A 370 16.30 -8.86 33.31
C GLY A 370 15.24 -8.77 32.22
N ASN A 371 14.92 -9.90 31.59
CA ASN A 371 13.89 -9.95 30.58
C ASN A 371 12.70 -10.82 30.97
N LEU A 372 12.69 -11.38 32.18
CA LEU A 372 11.62 -12.23 32.64
C LEU A 372 11.08 -11.71 33.98
N TRP A 373 9.80 -11.95 34.22
CA TRP A 373 9.19 -11.63 35.50
C TRP A 373 9.17 -12.86 36.39
N ILE A 374 8.97 -12.64 37.67
CA ILE A 374 9.00 -13.70 38.68
C ILE A 374 7.80 -13.51 39.59
N ALA A 375 6.97 -14.54 39.70
CA ALA A 375 5.74 -14.48 40.47
C ALA A 375 5.83 -15.41 41.68
N ARG A 376 5.29 -14.93 42.81
CA ARG A 376 5.25 -15.68 44.05
C ARG A 376 3.86 -15.48 44.66
N PRO A 377 2.95 -16.42 44.44
CA PRO A 377 1.60 -16.30 45.00
C PRO A 377 1.60 -16.57 46.50
N THR A 378 0.44 -16.29 47.10
CA THR A 378 0.26 -16.47 48.54
C THR A 378 -0.90 -17.39 48.88
N LYS A 379 -2.08 -17.16 48.32
CA LYS A 379 -3.27 -17.94 48.63
C LYS A 379 -3.33 -19.14 47.69
N VAL A 380 -3.12 -20.33 48.23
CA VAL A 380 -3.22 -21.56 47.43
C VAL A 380 -4.67 -21.97 47.33
N GLY A 381 -5.10 -22.35 46.13
CA GLY A 381 -6.48 -22.69 45.88
C GLY A 381 -7.33 -21.57 45.30
N SER A 382 -6.75 -20.39 45.11
CA SER A 382 -7.46 -19.26 44.53
C SER A 382 -6.70 -18.75 43.30
N GLU A 383 -7.43 -18.12 42.40
CA GLU A 383 -6.83 -17.63 41.18
C GLU A 383 -6.01 -16.37 41.46
N ALA A 384 -5.24 -15.95 40.45
CA ALA A 384 -4.41 -14.77 40.53
C ALA A 384 -4.39 -14.09 39.17
N ILE A 385 -4.72 -12.79 39.14
CA ILE A 385 -4.76 -12.03 37.91
C ILE A 385 -3.47 -11.23 37.77
N ILE A 386 -2.99 -11.13 36.54
CA ILE A 386 -1.75 -10.41 36.22
C ILE A 386 -2.13 -9.29 35.27
N SER A 387 -2.18 -8.06 35.78
CA SER A 387 -2.51 -6.90 34.97
C SER A 387 -1.24 -6.41 34.29
N VAL A 388 -1.26 -6.37 32.95
CA VAL A 388 -0.11 -5.96 32.15
C VAL A 388 -0.35 -4.55 31.65
N THR A 389 0.66 -3.69 31.81
CA THR A 389 0.61 -2.32 31.33
C THR A 389 1.88 -2.00 30.57
N ALA A 390 1.73 -1.55 29.33
CA ALA A 390 2.84 -1.07 28.52
C ALA A 390 2.76 0.44 28.38
N GLN A 391 3.80 1.03 27.82
CA GLN A 391 3.87 2.47 27.61
C GLN A 391 4.49 2.73 26.25
N SER A 392 3.68 3.18 25.29
CA SER A 392 4.14 3.48 23.94
C SER A 392 4.38 4.99 23.86
N GLY A 393 5.58 5.40 24.25
CA GLY A 393 5.94 6.80 24.20
C GLY A 393 5.69 7.54 25.50
N GLY A 394 4.52 8.16 25.61
CA GLY A 394 4.18 8.92 26.80
C GLY A 394 2.77 8.68 27.29
N ARG A 395 2.26 7.47 27.07
CA ARG A 395 0.92 7.11 27.50
C ARG A 395 0.92 5.65 27.88
N THR A 396 0.16 5.30 28.93
CA THR A 396 0.19 3.98 29.52
C THR A 396 -0.98 3.16 28.99
N ILE A 397 -0.68 2.20 28.12
CA ILE A 397 -1.69 1.27 27.62
C ILE A 397 -1.88 0.16 28.64
N GLN A 398 -3.15 -0.14 28.96
CA GLN A 398 -3.49 -1.21 29.88
C GLN A 398 -3.85 -2.45 29.08
N MET A 399 -2.96 -3.44 29.09
CA MET A 399 -3.18 -4.66 28.32
C MET A 399 -4.25 -5.52 28.96
N ALA A 400 -4.67 -6.56 28.23
CA ALA A 400 -5.73 -7.44 28.71
C ALA A 400 -5.25 -8.26 29.89
N LYS A 401 -6.09 -8.32 30.93
CA LYS A 401 -5.75 -9.09 32.11
C LYS A 401 -5.75 -10.59 31.81
N THR A 402 -5.02 -11.33 32.64
CA THR A 402 -4.95 -12.78 32.51
C THR A 402 -5.07 -13.40 33.89
N THR A 403 -5.98 -14.37 34.02
CA THR A 403 -6.24 -15.06 35.27
C THR A 403 -5.60 -16.44 35.22
N LEU A 404 -4.63 -16.67 36.08
CA LEU A 404 -3.99 -17.98 36.24
C LEU A 404 -4.44 -18.61 37.55
N ARG A 405 -4.13 -19.89 37.71
CA ARG A 405 -4.46 -20.61 38.94
C ARG A 405 -3.22 -20.77 39.80
N VAL A 406 -3.45 -21.01 41.09
CA VAL A 406 -2.40 -21.21 42.07
C VAL A 406 -2.61 -22.55 42.75
N ARG A 407 -1.57 -23.37 42.76
CA ARG A 407 -1.61 -24.67 43.41
C ARG A 407 -0.29 -24.92 44.12
N ALA A 408 -0.35 -25.59 45.27
CA ALA A 408 0.83 -25.80 46.08
C ALA A 408 1.84 -26.68 45.36
N LEU A 409 3.04 -26.74 45.91
CA LEU A 409 4.11 -27.53 45.30
C LEU A 409 3.76 -29.01 45.35
N PRO A 410 4.09 -29.77 44.30
CA PRO A 410 3.84 -31.22 44.35
C PRO A 410 4.75 -31.89 45.36
N ASP A 411 4.40 -33.13 45.69
CA ASP A 411 5.23 -33.89 46.61
C ASP A 411 6.40 -34.52 45.86
N PRO A 412 7.59 -34.49 46.43
CA PRO A 412 8.73 -35.17 45.80
C PRO A 412 8.69 -36.67 46.09
N LEU A 413 9.63 -37.38 45.46
CA LEU A 413 9.80 -38.80 45.69
C LEU A 413 11.17 -39.06 46.28
N PRO A 414 11.27 -39.96 47.26
CA PRO A 414 12.57 -40.30 47.82
C PRO A 414 13.29 -41.33 46.97
N TYR A 415 14.62 -41.19 46.93
CA TYR A 415 15.45 -42.07 46.13
C TYR A 415 16.80 -42.24 46.80
N ILE A 416 17.52 -43.27 46.38
CA ILE A 416 18.85 -43.57 46.87
C ILE A 416 19.81 -43.29 45.71
N GLU A 417 20.39 -42.10 45.69
CA GLU A 417 21.30 -41.71 44.61
C GLU A 417 22.49 -42.65 44.56
N TYR A 418 22.48 -43.60 43.63
CA TYR A 418 23.54 -44.59 43.55
C TYR A 418 24.24 -44.49 42.20
N LYS A 419 25.55 -44.70 42.22
CA LYS A 419 26.32 -44.76 40.99
C LYS A 419 27.14 -46.03 41.01
N ASP A 420 27.09 -46.78 39.91
CA ASP A 420 27.92 -47.98 39.81
C ASP A 420 29.38 -47.58 39.63
N VAL A 421 30.24 -48.59 39.54
CA VAL A 421 31.67 -48.34 39.50
C VAL A 421 32.10 -47.60 38.24
N GLN A 422 31.25 -47.55 37.22
CA GLN A 422 31.59 -46.90 35.96
C GLN A 422 31.29 -45.40 35.97
N GLY A 423 30.91 -44.84 37.12
CA GLY A 423 30.86 -43.39 37.25
C GLY A 423 29.51 -42.72 37.15
N ASN A 424 28.71 -43.11 36.15
CA ASN A 424 27.47 -42.40 35.89
C ASN A 424 26.48 -42.57 37.04
N THR A 425 25.75 -41.49 37.34
CA THR A 425 24.86 -41.44 38.48
C THR A 425 23.45 -41.86 38.07
N LYS A 426 22.80 -42.65 38.93
CA LYS A 426 21.42 -43.06 38.74
C LYS A 426 20.65 -42.85 40.03
N ARG A 427 19.33 -42.75 39.90
CA ARG A 427 18.42 -42.64 41.03
C ARG A 427 17.74 -43.99 41.28
N PHE A 428 17.53 -44.31 42.54
CA PHE A 428 16.96 -45.59 42.96
C PHE A 428 15.63 -45.32 43.65
N LYS A 429 14.55 -45.76 43.01
CA LYS A 429 13.19 -45.62 43.54
C LYS A 429 12.65 -47.01 43.87
N GLY A 430 13.24 -47.62 44.90
CA GLY A 430 12.83 -48.95 45.33
C GLY A 430 13.29 -50.05 44.39
N GLY A 431 13.41 -51.26 44.91
CA GLY A 431 13.81 -52.39 44.08
C GLY A 431 14.94 -53.20 44.66
N ARG A 432 15.94 -53.52 43.83
CA ARG A 432 17.08 -54.32 44.22
C ARG A 432 18.34 -53.48 44.11
N LEU A 433 19.07 -53.35 45.22
CA LEU A 433 20.29 -52.56 45.24
C LEU A 433 21.36 -53.29 46.04
N GLY A 434 22.61 -52.99 45.73
CA GLY A 434 23.72 -53.61 46.43
C GLY A 434 24.02 -52.92 47.74
N LYS A 435 24.49 -53.72 48.70
CA LYS A 435 24.84 -53.19 50.02
C LYS A 435 25.86 -52.08 49.92
N ARG A 436 26.84 -52.23 49.01
CA ARG A 436 27.86 -51.22 48.82
C ARG A 436 27.26 -49.90 48.37
N GLU A 437 26.35 -49.94 47.40
CA GLU A 437 25.72 -48.71 46.91
C GLU A 437 24.78 -48.11 47.95
N ILE A 438 24.10 -48.97 48.72
CA ILE A 438 23.21 -48.45 49.76
C ILE A 438 24.01 -47.72 50.83
N LEU A 439 25.15 -48.28 51.23
CA LEU A 439 25.96 -47.63 52.25
C LEU A 439 26.69 -46.40 51.71
N ALA A 440 27.03 -46.41 50.41
CA ALA A 440 27.77 -45.29 49.83
C ALA A 440 26.90 -44.05 49.64
N ALA A 441 25.58 -44.22 49.54
CA ALA A 441 24.71 -43.07 49.32
C ALA A 441 24.56 -42.21 50.57
N GLY A 442 24.83 -42.77 51.74
CA GLY A 442 24.81 -42.00 52.97
C GLY A 442 23.44 -41.75 53.56
N GLY A 443 22.43 -41.66 52.71
CA GLY A 443 21.09 -41.38 53.20
C GLY A 443 20.08 -41.43 52.08
N ILE A 444 18.88 -40.93 52.39
CA ILE A 444 17.75 -40.94 51.47
C ILE A 444 17.54 -39.53 50.96
N LYS A 445 17.72 -39.33 49.65
CA LYS A 445 17.45 -38.03 49.06
C LYS A 445 16.00 -37.96 48.60
N ALA A 446 15.57 -36.77 48.20
CA ALA A 446 14.21 -36.56 47.71
C ALA A 446 14.22 -35.55 46.59
N ALA A 447 13.61 -35.92 45.45
CA ALA A 447 13.58 -35.05 44.29
C ALA A 447 12.32 -35.33 43.48
N LEU A 448 12.02 -34.41 42.56
CA LEU A 448 10.84 -34.53 41.73
C LEU A 448 11.04 -35.58 40.64
N ASP A 449 9.91 -36.09 40.13
CA ASP A 449 9.97 -37.09 39.07
C ASP A 449 10.52 -36.50 37.78
N ASP A 450 9.82 -35.53 37.21
CA ASP A 450 10.34 -34.74 36.09
C ASP A 450 11.18 -33.60 36.68
N ASP A 451 12.43 -33.93 37.01
CA ASP A 451 13.30 -33.05 37.76
C ASP A 451 13.55 -31.72 37.06
N LEU A 452 14.33 -31.73 35.99
CA LEU A 452 14.72 -30.53 35.24
C LEU A 452 15.50 -29.63 36.19
N LEU A 453 15.18 -28.34 36.30
CA LEU A 453 15.96 -27.40 37.11
C LEU A 453 15.09 -26.57 38.04
N GLU A 454 13.80 -26.86 38.14
CA GLU A 454 12.85 -25.98 38.81
C GLU A 454 13.10 -25.89 40.31
N VAL A 455 12.82 -26.96 41.04
CA VAL A 455 12.82 -26.95 42.50
C VAL A 455 13.74 -28.05 43.01
N ASN A 456 14.30 -27.83 44.19
CA ASN A 456 15.19 -28.78 44.85
C ASN A 456 14.71 -28.99 46.28
N TYR A 457 14.46 -30.25 46.63
CA TYR A 457 13.92 -30.61 47.94
C TYR A 457 15.01 -31.20 48.84
N THR A 458 14.66 -31.30 50.12
CA THR A 458 15.54 -31.91 51.12
C THR A 458 14.69 -32.66 52.12
N VAL A 459 15.30 -33.65 52.77
CA VAL A 459 14.62 -34.53 53.72
C VAL A 459 14.94 -34.09 55.13
N VAL A 460 13.97 -34.21 56.03
CA VAL A 460 14.19 -33.86 57.42
C VAL A 460 14.14 -35.09 58.34
N LYS A 461 13.30 -36.08 58.04
CA LYS A 461 13.22 -37.27 58.89
C LYS A 461 12.89 -38.49 58.03
N PHE A 462 13.30 -39.66 58.52
CA PHE A 462 12.84 -40.93 57.97
C PHE A 462 13.29 -42.06 58.89
N GLN A 463 12.59 -43.19 58.79
CA GLN A 463 12.90 -44.39 59.55
C GLN A 463 13.26 -45.53 58.60
N LEU A 464 14.01 -46.49 59.11
CA LEU A 464 14.31 -47.73 58.40
C LEU A 464 13.78 -48.90 59.23
N VAL A 465 12.88 -49.66 58.64
CA VAL A 465 12.29 -50.83 59.28
C VAL A 465 12.99 -52.07 58.78
N PHE A 466 13.49 -52.88 59.70
CA PHE A 466 14.09 -54.18 59.46
C PHE A 466 13.26 -55.25 60.15
N TYR A 467 13.54 -56.50 59.78
CA TYR A 467 12.89 -57.66 60.41
C TYR A 467 13.97 -58.65 60.82
N ASP A 468 14.00 -59.00 62.10
CA ASP A 468 15.06 -59.82 62.65
C ASP A 468 14.71 -61.30 62.48
N SER A 469 15.37 -62.17 63.23
CA SER A 469 15.20 -63.62 63.10
C SER A 469 14.02 -64.16 63.89
N MET A 470 13.11 -63.30 64.36
CA MET A 470 11.94 -63.75 65.09
C MET A 470 10.67 -63.03 64.64
N GLY A 471 10.71 -62.38 63.49
CA GLY A 471 9.56 -61.66 62.97
C GLY A 471 9.31 -60.30 63.60
N ASN A 472 10.16 -59.87 64.53
CA ASN A 472 9.99 -58.56 65.15
C ASN A 472 10.33 -57.46 64.15
N SER A 473 9.64 -56.33 64.30
CA SER A 473 9.88 -55.15 63.48
C SER A 473 10.80 -54.20 64.24
N ILE A 474 11.98 -53.96 63.68
CA ILE A 474 12.95 -53.04 64.27
C ILE A 474 12.91 -51.74 63.47
N PRO A 475 12.26 -50.70 63.97
CA PRO A 475 12.24 -49.42 63.25
C PRO A 475 13.25 -48.42 63.80
N GLU A 476 14.41 -48.32 63.17
CA GLU A 476 15.45 -47.42 63.63
C GLU A 476 15.34 -46.07 62.95
N VAL A 477 15.39 -45.01 63.76
CA VAL A 477 15.33 -43.65 63.22
C VAL A 477 16.71 -43.22 62.76
N SER A 478 16.74 -42.22 61.89
CA SER A 478 17.96 -41.77 61.24
C SER A 478 18.37 -40.39 61.76
N ASP A 479 19.64 -40.05 61.50
CA ASP A 479 20.16 -38.73 61.83
C ASP A 479 19.64 -37.69 60.85
N GLY A 480 18.34 -37.44 60.89
CA GLY A 480 17.72 -36.50 59.97
C GLY A 480 17.69 -37.02 58.55
N ALA A 481 18.52 -36.43 57.68
CA ALA A 481 18.55 -36.80 56.27
C ALA A 481 19.57 -37.89 55.96
N SER A 482 20.44 -38.24 56.90
CA SER A 482 21.48 -39.23 56.69
C SER A 482 21.25 -40.46 57.54
N PHE A 483 21.92 -41.55 57.18
CA PHE A 483 21.80 -42.79 57.91
C PHE A 483 22.40 -42.66 59.31
N SER A 484 21.79 -43.37 60.26
CA SER A 484 22.30 -43.43 61.63
C SER A 484 23.36 -44.52 61.71
N GLU A 485 23.80 -44.83 62.94
CA GLU A 485 24.78 -45.89 63.13
C GLU A 485 24.12 -47.26 63.30
N ARG A 486 23.06 -47.33 64.11
CA ARG A 486 22.26 -48.56 64.17
C ARG A 486 21.81 -48.97 62.79
N GLN A 487 21.38 -48.01 61.96
CA GLN A 487 20.92 -48.31 60.62
C GLN A 487 22.04 -48.89 59.76
N LYS A 488 23.20 -48.22 59.74
CA LYS A 488 24.30 -48.70 58.91
C LYS A 488 24.77 -50.07 59.36
N ARG A 489 24.72 -50.34 60.67
CA ARG A 489 25.09 -51.66 61.16
C ARG A 489 24.07 -52.72 60.73
N GLN A 490 22.77 -52.40 60.84
CA GLN A 490 21.75 -53.33 60.34
C GLN A 490 21.95 -53.64 58.86
N ILE A 491 22.25 -52.61 58.07
CA ILE A 491 22.42 -52.80 56.62
C ILE A 491 23.68 -53.62 56.35
N GLN A 492 24.74 -53.40 57.12
CA GLN A 492 25.96 -54.19 56.95
C GLN A 492 25.72 -55.64 57.33
N ASN A 493 24.81 -55.90 58.27
CA ASN A 493 24.51 -57.27 58.69
C ASN A 493 23.36 -57.90 57.91
N LEU A 494 22.76 -57.18 56.97
CA LEU A 494 21.66 -57.76 56.20
C LEU A 494 22.17 -58.82 55.23
N GLY A 495 21.50 -59.97 55.22
CA GLY A 495 21.89 -61.03 54.31
C GLY A 495 21.50 -60.74 52.88
N LYS A 496 22.24 -61.34 51.95
CA LYS A 496 22.03 -61.14 50.53
C LYS A 496 20.63 -61.58 50.12
N GLY A 497 19.75 -60.63 49.84
CA GLY A 497 18.38 -60.92 49.44
C GLY A 497 17.32 -60.48 50.42
N LYS A 498 17.69 -59.96 51.59
CA LYS A 498 16.70 -59.52 52.57
C LYS A 498 16.21 -58.12 52.25
N ARG A 499 15.00 -57.83 52.70
CA ARG A 499 14.34 -56.56 52.42
C ARG A 499 14.37 -55.65 53.64
N PHE A 500 14.60 -54.37 53.41
CA PHE A 500 14.43 -53.34 54.44
C PHE A 500 13.70 -52.16 53.84
N TYR A 501 12.95 -51.45 54.68
CA TYR A 501 11.97 -50.49 54.21
C TYR A 501 12.28 -49.10 54.72
N VAL A 502 12.37 -48.13 53.81
CA VAL A 502 12.52 -46.73 54.16
C VAL A 502 11.12 -46.15 54.29
N THR A 503 10.70 -45.88 55.53
CA THR A 503 9.32 -45.52 55.84
C THR A 503 9.28 -44.19 56.58
N GLU A 504 8.06 -43.63 56.62
CA GLU A 504 7.77 -42.38 57.34
C GLU A 504 8.78 -41.30 57.01
N VAL A 505 8.95 -41.04 55.73
CA VAL A 505 9.89 -40.05 55.24
C VAL A 505 9.19 -38.70 55.18
N ILE A 506 9.70 -37.74 55.94
CA ILE A 506 9.23 -36.36 55.92
C ILE A 506 10.32 -35.51 55.31
N ALA A 507 9.99 -34.82 54.22
CA ALA A 507 10.92 -34.00 53.46
C ALA A 507 10.46 -32.55 53.47
N ARG A 508 11.36 -31.67 53.04
CA ARG A 508 11.15 -30.23 53.07
C ARG A 508 11.29 -29.64 51.68
N GLY A 509 10.45 -28.64 51.39
CA GLY A 509 10.55 -27.91 50.15
C GLY A 509 10.85 -26.44 50.39
N PRO A 510 11.26 -25.73 49.33
CA PRO A 510 11.53 -24.29 49.48
C PRO A 510 10.33 -23.47 49.91
N ASP A 511 9.11 -24.03 49.85
CA ASP A 511 7.93 -23.33 50.32
C ASP A 511 7.80 -23.36 51.84
N GLY A 512 8.76 -23.95 52.55
CA GLY A 512 8.83 -23.86 54.00
C GLY A 512 7.95 -24.84 54.76
N ILE A 513 7.24 -25.74 54.07
CA ILE A 513 6.35 -26.70 54.73
C ILE A 513 6.90 -28.09 54.52
N GLU A 514 6.79 -28.92 55.56
CA GLU A 514 7.20 -30.31 55.51
C GLU A 514 6.07 -31.19 54.98
N ARG A 515 6.44 -32.24 54.26
CA ARG A 515 5.47 -33.15 53.68
C ARG A 515 5.94 -34.59 53.79
N LYS A 516 4.99 -35.50 53.98
CA LYS A 516 5.28 -36.92 54.05
C LYS A 516 5.28 -37.51 52.64
N ILE A 517 6.40 -38.09 52.24
CA ILE A 517 6.55 -38.69 50.92
C ILE A 517 6.46 -40.21 51.07
N PRO A 518 6.09 -40.95 50.03
CA PRO A 518 5.82 -42.39 50.20
C PRO A 518 7.08 -43.17 50.56
N ALA A 519 6.84 -44.34 51.16
CA ALA A 519 7.90 -45.25 51.56
C ALA A 519 8.45 -46.01 50.36
N ILE A 520 9.62 -46.63 50.55
CA ILE A 520 10.24 -47.45 49.53
C ILE A 520 10.73 -48.74 50.15
N GLU A 521 10.92 -49.75 49.31
CA GLU A 521 11.41 -51.06 49.70
C GLU A 521 12.72 -51.36 48.98
N VAL A 522 13.71 -51.86 49.71
CA VAL A 522 15.02 -52.16 49.15
C VAL A 522 15.36 -53.62 49.44
N ILE A 523 15.92 -54.29 48.44
CA ILE A 523 16.34 -55.68 48.55
C ILE A 523 17.85 -55.73 48.35
N VAL A 524 18.56 -56.31 49.32
CA VAL A 524 20.02 -56.35 49.27
C VAL A 524 20.47 -57.34 48.21
N ASN A 525 21.46 -56.93 47.43
CA ASN A 525 22.03 -57.76 46.37
C ASN A 525 23.54 -57.77 46.52
N LEU A 526 24.22 -58.44 45.59
CA LEU A 526 25.68 -58.49 45.56
C LEU A 526 26.15 -58.15 44.15
N GLU A 527 26.96 -57.11 44.03
CA GLU A 527 27.41 -56.65 42.72
C GLU A 527 28.89 -56.25 42.78
N VAL B 39 -22.19 40.15 -64.92
CA VAL B 39 -21.05 39.31 -64.60
C VAL B 39 -21.12 38.02 -65.42
N SER B 40 -20.06 37.77 -66.20
CA SER B 40 -20.00 36.57 -67.03
C SER B 40 -19.97 35.34 -66.14
N SER B 41 -20.38 34.20 -66.72
CA SER B 41 -20.45 32.96 -65.95
C SER B 41 -19.08 32.51 -65.48
N GLU B 42 -18.02 32.85 -66.21
CA GLU B 42 -16.67 32.46 -65.80
C GLU B 42 -16.21 33.28 -64.60
N VAL B 43 -16.50 34.58 -64.58
CA VAL B 43 -16.15 35.41 -63.43
C VAL B 43 -16.97 35.00 -62.21
N LEU B 44 -18.25 34.66 -62.43
CA LEU B 44 -19.07 34.12 -61.35
C LEU B 44 -18.48 32.83 -60.81
N ASP B 45 -18.02 31.95 -61.71
CA ASP B 45 -17.40 30.70 -61.29
C ASP B 45 -16.13 30.96 -60.48
N GLY B 46 -15.34 31.97 -60.88
CA GLY B 46 -14.14 32.28 -60.13
C GLY B 46 -14.42 32.84 -58.75
N PHE B 47 -15.38 33.78 -58.67
CA PHE B 47 -15.80 34.29 -57.37
C PHE B 47 -16.28 33.17 -56.47
N ASP B 48 -17.10 32.25 -57.01
CA ASP B 48 -17.63 31.18 -56.19
C ASP B 48 -16.56 30.16 -55.83
N LYS B 49 -15.53 30.01 -56.68
CA LYS B 49 -14.41 29.14 -56.33
C LYS B 49 -13.62 29.70 -55.16
N VAL B 50 -13.33 31.00 -55.19
CA VAL B 50 -12.68 31.63 -54.05
C VAL B 50 -13.56 31.51 -52.80
N ASP B 51 -14.88 31.64 -52.98
CA ASP B 51 -15.82 31.50 -51.87
C ASP B 51 -15.71 30.10 -51.25
N LYS B 52 -15.75 29.06 -52.09
CA LYS B 52 -15.70 27.70 -51.58
C LYS B 52 -14.35 27.38 -50.96
N SER B 53 -13.26 27.92 -51.50
CA SER B 53 -11.94 27.68 -50.91
C SER B 53 -11.84 28.34 -49.54
N LEU B 54 -12.34 29.58 -49.41
CA LEU B 54 -12.35 30.23 -48.10
C LEU B 54 -13.27 29.51 -47.13
N THR B 55 -14.38 28.96 -47.61
CA THR B 55 -15.26 28.18 -46.73
C THR B 55 -14.56 26.91 -46.25
N SER B 56 -13.78 26.27 -47.13
CA SER B 56 -12.99 25.11 -46.72
C SER B 56 -11.98 25.50 -45.64
N SER B 57 -11.30 26.63 -45.84
CA SER B 57 -10.36 27.12 -44.82
C SER B 57 -11.07 27.37 -43.49
N ILE B 58 -12.26 27.97 -43.54
CA ILE B 58 -13.02 28.23 -42.33
C ILE B 58 -13.35 26.93 -41.61
N ASP B 59 -13.89 25.96 -42.35
CA ASP B 59 -14.31 24.69 -41.75
C ASP B 59 -13.12 23.88 -41.25
N GLY B 60 -11.92 24.12 -41.76
CA GLY B 60 -10.75 23.46 -41.21
C GLY B 60 -10.24 24.12 -39.94
N SER B 61 -10.07 25.45 -39.99
CA SER B 61 -9.63 26.18 -38.82
C SER B 61 -10.67 26.17 -37.71
N ASP B 62 -11.89 25.73 -37.99
CA ASP B 62 -12.89 25.54 -36.94
C ASP B 62 -12.64 24.25 -36.16
N LYS B 63 -12.39 23.16 -36.87
CA LYS B 63 -12.02 21.91 -36.21
C LYS B 63 -10.71 22.06 -35.44
N ARG B 64 -9.74 22.78 -36.01
CA ARG B 64 -8.48 22.94 -35.28
C ARG B 64 -8.61 23.82 -34.06
N ASN B 65 -9.75 24.51 -33.89
CA ASN B 65 -10.04 25.26 -32.66
C ASN B 65 -10.82 24.41 -31.66
N ASN B 66 -11.82 23.66 -32.14
CA ASN B 66 -12.54 22.78 -31.22
C ASN B 66 -11.59 21.73 -30.63
N LEU B 67 -10.58 21.32 -31.38
CA LEU B 67 -9.60 20.36 -30.85
C LEU B 67 -8.80 20.97 -29.70
N VAL B 68 -8.37 22.22 -29.85
CA VAL B 68 -7.64 22.90 -28.78
C VAL B 68 -8.54 23.09 -27.57
N LEU B 69 -9.81 23.41 -27.80
CA LEU B 69 -10.74 23.53 -26.68
C LEU B 69 -10.91 22.19 -25.94
N SER B 70 -10.93 21.09 -26.69
CA SER B 70 -11.00 19.77 -26.05
C SER B 70 -9.74 19.47 -25.24
N GLU B 71 -8.57 19.83 -25.77
CA GLU B 71 -7.34 19.66 -25.02
C GLU B 71 -7.39 20.46 -23.71
N LEU B 72 -7.85 21.71 -23.79
CA LEU B 72 -7.98 22.53 -22.59
C LEU B 72 -8.98 21.93 -21.61
N ASN B 73 -10.07 21.35 -22.13
CA ASN B 73 -11.07 20.76 -21.24
C ASN B 73 -10.52 19.54 -20.52
N THR B 74 -9.72 18.72 -21.22
CA THR B 74 -9.11 17.57 -20.55
C THR B 74 -8.09 18.02 -19.51
N ALA B 75 -7.28 19.03 -19.84
CA ALA B 75 -6.35 19.57 -18.85
C ALA B 75 -7.08 20.16 -17.65
N TYR B 76 -8.28 20.69 -17.88
CA TYR B 76 -9.10 21.22 -16.79
C TYR B 76 -9.70 20.10 -15.95
N ARG B 77 -10.01 18.96 -16.59
CA ARG B 77 -10.45 17.79 -15.84
C ARG B 77 -9.34 17.27 -14.95
N THR B 78 -8.10 17.28 -15.44
CA THR B 78 -6.97 16.80 -14.65
C THR B 78 -6.68 17.73 -13.48
N ASN B 79 -6.03 18.86 -13.77
CA ASN B 79 -5.67 19.86 -12.75
C ASN B 79 -6.50 21.11 -12.97
N PRO B 80 -7.64 21.26 -12.29
CA PRO B 80 -8.55 22.37 -12.60
C PRO B 80 -8.14 23.71 -12.01
N GLU B 81 -7.37 23.69 -10.92
CA GLU B 81 -7.10 24.92 -10.18
C GLU B 81 -6.33 25.93 -11.02
N LYS B 82 -5.41 25.46 -11.86
CA LYS B 82 -4.56 26.34 -12.64
C LYS B 82 -5.06 26.58 -14.06
N VAL B 83 -6.17 25.96 -14.44
CA VAL B 83 -6.71 26.11 -15.80
C VAL B 83 -8.08 26.75 -15.83
N LYS B 84 -8.70 27.01 -14.68
CA LYS B 84 -10.05 27.57 -14.65
C LYS B 84 -10.13 28.88 -15.43
N VAL B 85 -9.21 29.81 -15.13
CA VAL B 85 -9.26 31.13 -15.74
C VAL B 85 -9.16 31.02 -17.26
N TRP B 86 -8.13 30.32 -17.75
CA TRP B 86 -7.87 30.30 -19.18
C TRP B 86 -8.90 29.47 -19.94
N TYR B 87 -9.41 28.40 -19.33
CA TYR B 87 -10.46 27.63 -19.98
C TYR B 87 -11.75 28.43 -20.08
N GLU B 88 -12.10 29.15 -19.01
CA GLU B 88 -13.28 30.02 -19.08
C GLU B 88 -13.08 31.14 -20.10
N ARG B 89 -11.85 31.62 -20.26
CA ARG B 89 -11.58 32.63 -21.27
C ARG B 89 -11.73 32.05 -22.68
N SER B 90 -11.30 30.81 -22.89
CA SER B 90 -11.50 30.17 -24.19
C SER B 90 -12.99 29.97 -24.45
N LEU B 91 -13.77 29.64 -23.42
CA LEU B 91 -15.22 29.55 -23.58
C LEU B 91 -15.82 30.90 -23.97
N VAL B 92 -15.39 31.96 -23.29
CA VAL B 92 -15.85 33.31 -23.63
C VAL B 92 -15.51 33.63 -25.08
N LEU B 93 -14.32 33.25 -25.52
CA LEU B 93 -13.92 33.52 -26.90
C LEU B 93 -14.81 32.77 -27.88
N GLN B 94 -15.02 31.47 -27.67
CA GLN B 94 -15.88 30.70 -28.56
C GLN B 94 -17.30 31.25 -28.58
N LYS B 95 -17.78 31.76 -27.44
CA LYS B 95 -19.08 32.43 -27.41
C LYS B 95 -19.08 33.65 -28.32
N GLU B 96 -18.20 34.61 -28.04
CA GLU B 96 -18.24 35.88 -28.74
C GLU B 96 -17.67 35.81 -30.15
N ALA B 97 -16.99 34.72 -30.52
CA ALA B 97 -16.49 34.57 -31.88
C ALA B 97 -17.49 33.85 -32.78
N ASP B 98 -18.37 33.03 -32.23
CA ASP B 98 -19.41 32.38 -33.02
C ASP B 98 -20.63 33.26 -33.21
N SER B 99 -20.96 34.11 -32.23
CA SER B 99 -22.04 35.08 -32.40
C SER B 99 -21.72 36.14 -33.44
N LEU B 100 -20.46 36.24 -33.86
CA LEU B 100 -20.07 37.14 -34.94
C LEU B 100 -20.07 36.44 -36.29
N CYS B 101 -19.61 35.18 -36.34
CA CYS B 101 -19.70 34.40 -37.56
C CYS B 101 -21.15 34.14 -37.95
N THR B 102 -22.03 33.93 -36.96
CA THR B 102 -23.45 33.80 -37.25
C THR B 102 -24.01 35.10 -37.81
N PHE B 103 -23.56 36.24 -37.29
CA PHE B 103 -23.99 37.53 -37.82
C PHE B 103 -23.55 37.72 -39.26
N ILE B 104 -22.30 37.33 -39.57
CA ILE B 104 -21.83 37.46 -40.94
C ILE B 104 -22.56 36.49 -41.87
N ASP B 105 -22.91 35.30 -41.37
CA ASP B 105 -23.73 34.39 -42.16
C ASP B 105 -25.10 35.00 -42.46
N ASP B 106 -25.70 35.65 -41.47
CA ASP B 106 -26.96 36.34 -41.70
C ASP B 106 -26.80 37.45 -42.73
N LEU B 107 -25.67 38.15 -42.71
CA LEU B 107 -25.42 39.21 -43.69
C LEU B 107 -25.30 38.64 -45.10
N LYS B 108 -24.58 37.54 -45.25
CA LYS B 108 -24.47 36.88 -46.55
C LYS B 108 -25.85 36.44 -47.05
N LEU B 109 -26.66 35.86 -46.16
CA LEU B 109 -27.99 35.43 -46.54
C LEU B 109 -28.87 36.62 -46.93
N ALA B 110 -28.70 37.76 -46.25
CA ALA B 110 -29.50 38.93 -46.58
C ALA B 110 -29.11 39.52 -47.93
N ILE B 111 -27.82 39.53 -48.23
CA ILE B 111 -27.37 39.99 -49.55
C ILE B 111 -27.92 39.07 -50.63
N ALA B 112 -27.87 37.76 -50.41
CA ALA B 112 -28.43 36.83 -51.38
C ALA B 112 -29.93 37.02 -51.53
N ARG B 113 -30.63 37.32 -50.43
CA ARG B 113 -32.07 37.56 -50.49
C ARG B 113 -32.38 38.81 -51.31
N GLU B 114 -31.61 39.88 -51.11
CA GLU B 114 -31.83 41.08 -51.91
C GLU B 114 -31.58 40.82 -53.39
N SER B 115 -30.51 40.10 -53.70
CA SER B 115 -30.22 39.80 -55.11
C SER B 115 -31.32 38.95 -55.73
N ASP B 116 -31.82 37.96 -54.99
CA ASP B 116 -32.88 37.11 -55.52
C ASP B 116 -34.18 37.88 -55.69
N GLY B 117 -34.49 38.78 -54.76
CA GLY B 117 -35.66 39.63 -54.92
C GLY B 117 -35.55 40.56 -56.10
N LYS B 118 -34.33 40.99 -56.42
CA LYS B 118 -34.14 41.80 -57.62
C LYS B 118 -34.27 40.98 -58.89
N ASP B 119 -33.77 39.74 -58.87
CA ASP B 119 -33.92 38.87 -60.04
C ASP B 119 -35.38 38.50 -60.28
N ALA B 120 -36.18 38.42 -59.22
CA ALA B 120 -37.59 38.09 -59.35
C ALA B 120 -38.41 39.31 -59.73
N ASP B 129 -24.82 39.77 -61.80
CA ASP B 129 -24.75 41.14 -62.29
C ASP B 129 -24.06 42.06 -61.30
N ASN B 130 -24.32 43.36 -61.42
CA ASN B 130 -23.69 44.39 -60.58
C ASN B 130 -24.79 45.36 -60.14
N LEU B 131 -25.54 44.96 -59.13
CA LEU B 131 -26.61 45.77 -58.55
C LEU B 131 -26.29 46.09 -57.09
N ASP B 132 -27.19 46.83 -56.45
CA ASP B 132 -26.99 47.32 -55.09
C ASP B 132 -27.26 46.25 -54.03
N ALA B 133 -26.87 45.00 -54.25
CA ALA B 133 -27.11 43.96 -53.26
C ALA B 133 -26.36 44.25 -51.97
N SER B 134 -25.11 44.68 -52.07
CA SER B 134 -24.34 45.05 -50.89
C SER B 134 -24.59 46.49 -50.46
N SER B 135 -25.25 47.30 -51.29
CA SER B 135 -25.51 48.69 -50.93
C SER B 135 -26.81 48.84 -50.15
N VAL B 136 -27.87 48.15 -50.56
CA VAL B 136 -29.14 48.22 -49.85
C VAL B 136 -29.08 47.47 -48.53
N VAL B 137 -28.16 46.52 -48.39
CA VAL B 137 -28.04 45.76 -47.15
C VAL B 137 -27.07 46.41 -46.17
N MET B 138 -25.94 46.92 -46.66
CA MET B 138 -24.91 47.47 -45.78
C MET B 138 -24.99 48.98 -45.63
N LEU B 139 -25.53 49.70 -46.60
CA LEU B 139 -25.50 51.15 -46.59
C LEU B 139 -26.89 51.78 -46.58
N ASN B 140 -27.93 51.01 -46.31
CA ASN B 140 -29.28 51.56 -46.24
C ASN B 140 -29.39 52.53 -45.07
N PRO B 141 -29.66 53.82 -45.31
CA PRO B 141 -29.76 54.76 -44.17
C PRO B 141 -30.84 54.41 -43.18
N ILE B 142 -31.85 53.63 -43.59
CA ILE B 142 -32.87 53.15 -42.68
C ILE B 142 -32.23 52.17 -41.70
N ASN B 143 -31.84 51.00 -42.20
CA ASN B 143 -31.08 50.03 -41.42
C ASN B 143 -29.96 49.49 -42.31
N GLY B 144 -28.75 49.99 -42.10
CA GLY B 144 -27.58 49.50 -42.81
C GLY B 144 -26.66 48.71 -41.91
N LYS B 145 -26.57 47.40 -42.14
CA LYS B 145 -25.86 46.52 -41.23
C LYS B 145 -24.34 46.64 -41.30
N GLY B 146 -23.80 47.52 -42.14
CA GLY B 146 -22.35 47.68 -42.20
C GLY B 146 -21.79 48.32 -40.94
N SER B 147 -22.45 49.37 -40.43
CA SER B 147 -22.02 50.00 -39.20
C SER B 147 -22.11 49.03 -38.03
N THR B 148 -23.21 48.28 -37.95
CA THR B 148 -23.35 47.27 -36.91
C THR B 148 -22.28 46.20 -37.03
N LEU B 149 -21.95 45.81 -38.26
CA LEU B 149 -20.91 44.80 -38.48
C LEU B 149 -19.56 45.30 -37.97
N ARG B 150 -19.20 46.54 -38.30
CA ARG B 150 -17.91 47.03 -37.85
C ARG B 150 -17.90 47.30 -36.35
N LYS B 151 -19.05 47.63 -35.76
CA LYS B 151 -19.12 47.71 -34.30
C LYS B 151 -18.87 46.35 -33.66
N GLU B 152 -19.49 45.30 -34.21
CA GLU B 152 -19.26 43.96 -33.68
C GLU B 152 -17.80 43.53 -33.88
N VAL B 153 -17.19 43.93 -35.00
CA VAL B 153 -15.80 43.60 -35.25
C VAL B 153 -14.91 44.31 -34.24
N ASP B 154 -15.20 45.58 -33.95
CA ASP B 154 -14.43 46.30 -32.94
C ASP B 154 -14.61 45.67 -31.56
N LYS B 155 -15.82 45.20 -31.25
CA LYS B 155 -16.05 44.55 -29.96
C LYS B 155 -15.23 43.26 -29.84
N PHE B 156 -15.28 42.42 -30.89
CA PHE B 156 -14.51 41.18 -30.86
C PHE B 156 -13.01 41.46 -30.84
N ARG B 157 -12.58 42.53 -31.52
CA ARG B 157 -11.16 42.88 -31.53
C ARG B 157 -10.70 43.35 -30.16
N GLU B 158 -11.55 44.13 -29.47
CA GLU B 158 -11.23 44.54 -28.11
C GLU B 158 -11.20 43.33 -27.17
N LEU B 159 -12.08 42.36 -27.38
CA LEU B 159 -12.03 41.13 -26.60
C LEU B 159 -10.72 40.38 -26.84
N VAL B 160 -10.32 40.27 -28.11
CA VAL B 160 -9.07 39.60 -28.44
C VAL B 160 -7.89 40.31 -27.81
N ALA B 161 -7.91 41.65 -27.81
CA ALA B 161 -6.86 42.42 -27.15
C ALA B 161 -6.89 42.20 -25.64
N THR B 162 -8.08 41.97 -25.08
CA THR B 162 -8.19 41.74 -23.64
C THR B 162 -7.64 40.37 -23.26
N LEU B 163 -7.82 39.37 -24.11
CA LEU B 163 -7.43 38.00 -23.76
C LEU B 163 -5.98 37.67 -24.08
N MET B 164 -5.41 38.27 -25.13
CA MET B 164 -4.03 37.97 -25.51
C MET B 164 -3.07 38.57 -24.50
N THR B 165 -2.32 37.71 -23.81
CA THR B 165 -1.38 38.15 -22.77
C THR B 165 0.05 38.19 -23.30
N ASP B 166 0.68 37.03 -23.43
CA ASP B 166 2.04 36.97 -23.93
C ASP B 166 2.08 37.21 -25.43
N LYS B 167 3.26 37.62 -25.90
CA LYS B 167 3.48 38.00 -27.30
C LYS B 167 2.43 39.03 -27.75
N ALA B 168 2.54 40.22 -27.14
CA ALA B 168 1.63 41.31 -27.48
C ALA B 168 1.80 41.77 -28.91
N LYS B 169 2.93 41.46 -29.55
CA LYS B 169 3.08 41.73 -30.97
C LYS B 169 2.14 40.86 -31.81
N LEU B 170 1.94 39.61 -31.37
CA LEU B 170 0.95 38.76 -32.03
C LEU B 170 -0.44 39.37 -31.91
N LYS B 171 -0.75 39.98 -30.76
CA LYS B 171 -2.01 40.69 -30.60
C LYS B 171 -2.09 41.90 -31.51
N LEU B 172 -1.00 42.66 -31.62
CA LEU B 172 -0.96 43.78 -32.56
C LEU B 172 -1.19 43.31 -33.99
N ILE B 173 -0.77 42.10 -34.31
CA ILE B 173 -1.02 41.55 -35.64
C ILE B 173 -2.49 41.17 -35.79
N GLU B 174 -3.06 40.51 -34.77
CA GLU B 174 -4.50 40.23 -34.81
C GLU B 174 -5.32 41.50 -34.88
N GLN B 175 -4.83 42.58 -34.25
CA GLN B 175 -5.54 43.85 -34.27
C GLN B 175 -5.49 44.51 -35.63
N ALA B 176 -4.56 44.10 -36.50
CA ALA B 176 -4.50 44.64 -37.86
C ALA B 176 -5.38 43.88 -38.84
N LEU B 177 -5.64 42.60 -38.57
CA LEU B 177 -6.57 41.83 -39.39
C LEU B 177 -8.01 42.21 -39.15
N ASN B 178 -8.30 42.95 -38.08
CA ASN B 178 -9.65 43.40 -37.75
C ASN B 178 -9.70 44.92 -37.67
N THR B 179 -8.97 45.59 -38.56
CA THR B 179 -8.91 47.05 -38.53
C THR B 179 -10.21 47.66 -39.06
N GLU B 180 -10.54 48.84 -38.54
CA GLU B 180 -11.73 49.59 -38.93
C GLU B 180 -11.27 50.96 -39.42
N SER B 181 -10.85 51.02 -40.68
CA SER B 181 -10.36 52.26 -41.26
C SER B 181 -10.69 52.28 -42.75
N GLY B 182 -10.78 53.49 -43.30
CA GLY B 182 -11.16 53.67 -44.69
C GLY B 182 -10.20 54.59 -45.41
N THR B 183 -10.45 54.73 -46.71
CA THR B 183 -9.65 55.57 -47.59
C THR B 183 -10.42 56.82 -47.97
N LYS B 184 -9.68 57.92 -48.14
CA LYS B 184 -10.22 59.23 -48.52
C LYS B 184 -11.22 59.65 -47.44
N GLY B 185 -12.46 59.97 -47.78
CA GLY B 185 -13.43 60.38 -46.78
C GLY B 185 -14.61 59.43 -46.69
N LYS B 186 -14.36 58.15 -46.93
CA LYS B 186 -15.38 57.12 -46.90
C LYS B 186 -15.25 56.28 -45.63
N SER B 187 -16.37 55.70 -45.21
CA SER B 187 -16.34 54.80 -44.07
C SER B 187 -15.67 53.49 -44.44
N TRP B 188 -15.46 52.64 -43.43
CA TRP B 188 -14.91 51.31 -43.67
C TRP B 188 -15.87 50.47 -44.51
N GLU B 189 -17.12 50.33 -44.04
CA GLU B 189 -18.12 49.59 -44.79
C GLU B 189 -18.48 50.30 -46.09
N SER B 190 -18.44 51.63 -46.10
CA SER B 190 -18.68 52.36 -47.34
C SER B 190 -17.60 52.07 -48.37
N SER B 191 -16.37 51.85 -47.92
CA SER B 191 -15.30 51.50 -48.84
C SER B 191 -15.36 50.04 -49.25
N LEU B 192 -15.90 49.17 -48.40
CA LEU B 192 -15.92 47.74 -48.68
C LEU B 192 -17.20 47.28 -49.37
N PHE B 193 -18.23 48.13 -49.51
CA PHE B 193 -19.47 47.66 -50.09
C PHE B 193 -20.16 48.70 -50.98
N GLU B 194 -19.43 49.69 -51.50
CA GLU B 194 -20.06 50.73 -52.32
C GLU B 194 -20.51 50.18 -53.66
N ASN B 195 -19.57 49.94 -54.57
CA ASN B 195 -19.85 49.45 -55.91
C ASN B 195 -19.17 48.10 -56.09
N MET B 196 -19.80 47.06 -55.52
CA MET B 196 -19.31 45.70 -55.63
C MET B 196 -20.50 44.76 -55.81
N PRO B 197 -20.38 43.76 -56.68
CA PRO B 197 -21.51 42.85 -56.92
C PRO B 197 -21.84 41.97 -55.73
N THR B 198 -22.81 41.08 -55.91
CA THR B 198 -23.27 40.20 -54.83
C THR B 198 -22.15 39.26 -54.38
N VAL B 199 -21.62 38.48 -55.33
CA VAL B 199 -20.66 37.43 -54.98
C VAL B 199 -19.37 38.03 -54.42
N ALA B 200 -18.97 39.21 -54.91
CA ALA B 200 -17.77 39.85 -54.37
C ALA B 200 -17.94 40.17 -52.88
N ALA B 201 -19.08 40.76 -52.53
CA ALA B 201 -19.35 41.08 -51.12
C ALA B 201 -19.47 39.82 -50.28
N ILE B 202 -20.09 38.77 -50.83
CA ILE B 202 -20.24 37.52 -50.07
C ILE B 202 -18.87 36.88 -49.83
N THR B 203 -17.99 36.90 -50.84
CA THR B 203 -16.65 36.36 -50.66
C THR B 203 -15.85 37.19 -49.67
N LEU B 204 -16.04 38.52 -49.68
CA LEU B 204 -15.34 39.36 -48.72
C LEU B 204 -15.81 39.08 -47.30
N LEU B 205 -17.12 38.87 -47.11
CA LEU B 205 -17.62 38.52 -45.79
C LEU B 205 -17.12 37.14 -45.35
N THR B 206 -17.01 36.20 -46.31
CA THR B 206 -16.43 34.91 -45.98
C THR B 206 -14.97 35.04 -45.58
N LYS B 207 -14.24 35.96 -46.23
CA LYS B 207 -12.85 36.23 -45.84
C LYS B 207 -12.80 36.81 -44.43
N LEU B 208 -13.75 37.68 -44.09
CA LEU B 208 -13.82 38.21 -42.73
C LEU B 208 -14.07 37.09 -41.72
N GLN B 209 -14.97 36.15 -42.05
CA GLN B 209 -15.18 34.99 -41.18
C GLN B 209 -13.90 34.18 -41.02
N SER B 210 -13.17 33.96 -42.11
CA SER B 210 -11.91 33.22 -42.03
C SER B 210 -10.90 33.93 -41.14
N ASP B 211 -10.80 35.26 -41.27
CA ASP B 211 -9.91 36.02 -40.41
C ASP B 211 -10.31 35.89 -38.94
N VAL B 212 -11.61 35.96 -38.66
CA VAL B 212 -12.08 35.80 -37.28
C VAL B 212 -11.70 34.42 -36.75
N ARG B 213 -11.85 33.38 -37.57
CA ARG B 213 -11.54 32.03 -37.12
C ARG B 213 -10.04 31.86 -36.84
N TYR B 214 -9.19 32.38 -37.72
CA TYR B 214 -7.75 32.25 -37.49
C TYR B 214 -7.32 33.07 -36.27
N ALA B 215 -7.94 34.24 -36.06
CA ALA B 215 -7.65 35.02 -34.87
C ALA B 215 -8.05 34.26 -33.60
N GLN B 216 -9.22 33.61 -33.64
CA GLN B 216 -9.64 32.80 -32.50
C GLN B 216 -8.66 31.67 -32.22
N GLY B 217 -8.16 31.03 -33.28
CA GLY B 217 -7.16 29.98 -33.10
C GLY B 217 -5.89 30.50 -32.45
N GLU B 218 -5.44 31.68 -32.88
CA GLU B 218 -4.23 32.25 -32.28
C GLU B 218 -4.44 32.59 -30.81
N VAL B 219 -5.60 33.16 -30.47
CA VAL B 219 -5.88 33.47 -29.08
C VAL B 219 -5.95 32.18 -28.25
N LEU B 220 -6.46 31.10 -28.85
CA LEU B 220 -6.47 29.81 -28.16
C LEU B 220 -5.05 29.32 -27.90
N ALA B 221 -4.16 29.47 -28.88
CA ALA B 221 -2.76 29.09 -28.65
C ALA B 221 -2.15 29.89 -27.51
N ASP B 222 -2.47 31.20 -27.44
CA ASP B 222 -1.99 32.01 -26.32
C ASP B 222 -2.52 31.51 -24.99
N LEU B 223 -3.82 31.19 -24.93
CA LEU B 223 -4.41 30.66 -23.71
C LEU B 223 -3.85 29.29 -23.33
N VAL B 224 -3.30 28.55 -24.30
CA VAL B 224 -2.60 27.31 -23.99
C VAL B 224 -1.22 27.60 -23.38
N LYS B 225 -0.49 28.54 -23.99
CA LYS B 225 0.81 28.91 -23.44
C LYS B 225 0.69 29.39 -22.00
N SER B 226 -0.34 30.19 -21.72
CA SER B 226 -0.49 30.74 -20.38
C SER B 226 -0.75 29.65 -19.34
N VAL B 227 -1.44 28.58 -19.72
CA VAL B 227 -1.63 27.44 -18.82
C VAL B 227 -0.31 26.70 -18.63
N ASP B 228 0.42 26.48 -19.73
CA ASP B 228 1.63 25.67 -19.64
C ASP B 228 2.73 26.38 -18.86
N VAL B 229 2.71 27.71 -18.82
CA VAL B 229 3.75 28.46 -18.12
C VAL B 229 3.32 28.84 -16.71
N GLY B 230 2.22 28.27 -16.22
CA GLY B 230 1.94 28.34 -14.79
C GLY B 230 2.94 27.53 -14.00
N ASP B 231 4.12 28.11 -13.77
CA ASP B 231 5.28 27.34 -13.34
C ASP B 231 5.18 26.92 -11.88
N TYR B 232 5.35 25.62 -11.64
CA TYR B 232 5.53 25.08 -10.29
C TYR B 232 6.94 24.56 -10.07
N ARG B 233 7.81 24.60 -11.09
CA ARG B 233 9.18 24.14 -10.92
C ARG B 233 10.06 25.16 -10.22
N VAL B 234 9.65 26.43 -10.18
CA VAL B 234 10.37 27.39 -9.35
C VAL B 234 10.11 27.11 -7.87
N ASN B 235 9.00 26.47 -7.54
CA ASN B 235 8.81 25.93 -6.20
C ASN B 235 9.73 24.73 -6.00
N SER B 236 10.47 24.73 -4.91
CA SER B 236 11.47 23.70 -4.69
C SER B 236 10.85 22.32 -4.66
N ILE B 237 11.51 21.37 -5.32
CA ILE B 237 11.04 19.99 -5.44
C ILE B 237 11.83 19.12 -4.48
N THR B 238 11.12 18.24 -3.78
CA THR B 238 11.76 17.31 -2.85
C THR B 238 11.26 15.89 -3.10
N ALA B 239 12.11 14.93 -2.76
CA ALA B 239 11.74 13.53 -2.87
C ALA B 239 10.91 13.13 -1.66
N GLN B 240 9.77 12.49 -1.92
CA GLN B 240 8.86 12.03 -0.88
C GLN B 240 8.71 10.52 -0.96
N VAL B 241 8.79 9.88 0.20
CA VAL B 241 8.45 8.46 0.36
C VAL B 241 7.09 8.41 1.05
N ILE B 242 6.08 7.98 0.30
CA ILE B 242 4.71 7.87 0.79
C ILE B 242 4.43 6.39 1.03
N PRO B 243 4.50 5.92 2.28
CA PRO B 243 4.23 4.52 2.56
C PRO B 243 2.77 4.26 2.90
N GLN B 244 2.35 3.01 2.65
CA GLN B 244 1.02 2.60 3.06
C GLN B 244 0.92 2.47 4.58
N SER B 245 1.93 1.87 5.20
CA SER B 245 2.00 1.76 6.65
C SER B 245 3.48 1.71 7.05
N GLN B 246 3.85 2.54 8.02
CA GLN B 246 5.25 2.59 8.43
C GLN B 246 5.62 1.45 9.37
N ILE B 247 4.65 0.93 10.11
CA ILE B 247 4.86 -0.20 11.02
C ILE B 247 4.12 -1.40 10.45
N VAL B 248 4.86 -2.36 9.93
CA VAL B 248 4.29 -3.59 9.40
C VAL B 248 4.72 -4.76 10.28
N MET B 249 4.16 -5.93 9.99
CA MET B 249 4.48 -7.15 10.71
C MET B 249 5.43 -8.01 9.89
N SER B 250 6.19 -8.85 10.59
CA SER B 250 7.13 -9.75 9.93
C SER B 250 6.40 -10.71 9.01
N GLY B 251 7.04 -11.03 7.88
CA GLY B 251 6.42 -11.83 6.85
C GLY B 251 5.52 -11.07 5.90
N ASP B 252 5.13 -9.84 6.25
CA ASP B 252 4.31 -9.00 5.38
C ASP B 252 5.23 -8.23 4.45
N THR B 253 4.72 -7.17 3.82
CA THR B 253 5.50 -6.35 2.90
C THR B 253 5.27 -4.87 3.20
N TYR B 254 6.28 -4.07 2.89
CA TYR B 254 6.24 -2.62 3.11
C TYR B 254 6.15 -1.92 1.76
N LYS B 255 5.03 -1.28 1.50
CA LYS B 255 4.79 -0.58 0.24
C LYS B 255 4.98 0.91 0.44
N ALA B 256 5.70 1.56 -0.48
CA ALA B 256 5.96 2.98 -0.38
C ALA B 256 6.28 3.53 -1.77
N ASN B 257 5.46 4.46 -2.24
CA ASN B 257 5.75 5.16 -3.48
C ASN B 257 6.83 6.21 -3.24
N ILE B 258 7.74 6.36 -4.19
CA ILE B 258 8.84 7.30 -4.07
C ILE B 258 8.76 8.25 -5.25
N VAL B 259 8.44 9.51 -4.98
CA VAL B 259 8.12 10.48 -6.01
C VAL B 259 8.84 11.78 -5.73
N LEU B 260 8.72 12.72 -6.66
CA LEU B 260 9.19 14.09 -6.48
C LEU B 260 7.99 15.01 -6.43
N SER B 261 7.80 15.68 -5.31
CA SER B 261 6.68 16.60 -5.14
C SER B 261 7.19 18.03 -4.98
N SER B 262 6.41 18.97 -5.51
CA SER B 262 6.72 20.40 -5.40
C SER B 262 6.07 20.92 -4.11
N VAL B 263 6.72 20.59 -3.00
CA VAL B 263 6.25 21.04 -1.69
C VAL B 263 6.62 22.50 -1.50
N ASP B 264 5.69 23.27 -0.93
CA ASP B 264 5.89 24.70 -0.69
C ASP B 264 5.83 24.93 0.82
N THR B 265 7.00 24.96 1.45
CA THR B 265 7.10 25.19 2.89
C THR B 265 6.95 26.66 3.26
N THR B 266 6.54 27.51 2.32
CA THR B 266 6.40 28.94 2.58
C THR B 266 5.07 29.30 3.22
N GLN B 267 4.11 28.37 3.25
CA GLN B 267 2.76 28.64 3.72
C GLN B 267 2.46 27.83 4.97
N ARG B 268 1.29 28.09 5.55
CA ARG B 268 0.75 27.35 6.69
C ARG B 268 -0.57 26.74 6.24
N PRO B 269 -0.56 25.52 5.70
CA PRO B 269 -1.79 24.97 5.11
C PRO B 269 -2.81 24.59 6.17
N ASP B 270 -4.08 24.59 5.75
CA ASP B 270 -5.19 24.21 6.60
C ASP B 270 -5.49 22.73 6.38
N VAL B 271 -5.26 21.92 7.42
CA VAL B 271 -5.50 20.48 7.34
C VAL B 271 -6.75 20.14 8.14
N PHE B 272 -7.93 20.32 7.54
CA PHE B 272 -9.19 20.07 8.22
C PHE B 272 -9.41 18.56 8.33
N VAL B 273 -9.48 18.07 9.56
CA VAL B 273 -9.54 16.63 9.82
C VAL B 273 -10.62 16.35 10.85
N ASN B 274 -11.66 15.62 10.44
CA ASN B 274 -12.71 15.13 11.33
C ASN B 274 -13.39 16.28 12.08
N GLY B 275 -14.07 17.14 11.31
CA GLY B 275 -14.91 18.17 11.89
C GLY B 275 -14.18 19.39 12.42
N LYS B 276 -12.95 19.22 12.89
CA LYS B 276 -12.18 20.32 13.45
C LYS B 276 -10.85 20.46 12.73
N LEU B 277 -10.39 21.70 12.61
CA LEU B 277 -9.13 22.00 11.93
C LEU B 277 -7.95 21.78 12.86
N LEU B 278 -6.86 21.27 12.31
CA LEU B 278 -5.63 21.12 13.09
C LEU B 278 -5.01 22.50 13.33
N SER B 279 -4.46 22.68 14.53
CA SER B 279 -3.82 23.95 14.85
C SER B 279 -2.60 24.14 13.97
N PRO B 280 -2.33 25.38 13.52
CA PRO B 280 -1.29 25.58 12.50
C PRO B 280 0.12 25.22 12.96
N GLU B 281 0.36 25.00 14.25
CA GLU B 281 1.68 24.66 14.74
C GLU B 281 1.94 23.17 14.76
N ASN B 282 1.03 22.36 14.21
CA ASN B 282 1.18 20.92 14.18
C ASN B 282 1.79 20.41 12.88
N MET B 283 2.01 21.29 11.90
CA MET B 283 2.61 20.91 10.62
C MET B 283 1.82 19.81 9.92
N GLY B 284 0.51 19.78 10.11
CA GLY B 284 -0.33 18.76 9.51
C GLY B 284 -0.02 17.37 10.02
N LEU B 285 -0.28 17.13 11.31
CA LEU B 285 0.02 15.84 11.95
C LEU B 285 -1.19 15.44 12.78
N PHE B 286 -2.00 14.53 12.23
CA PHE B 286 -3.18 14.06 12.95
C PHE B 286 -2.78 13.06 14.02
N THR B 287 -3.18 13.35 15.26
CA THR B 287 -2.90 12.47 16.40
C THR B 287 -4.15 12.37 17.25
N ALA B 288 -4.71 11.16 17.34
CA ALA B 288 -5.88 10.90 18.15
C ALA B 288 -5.68 9.60 18.92
N THR B 289 -5.98 9.63 20.22
CA THR B 289 -5.87 8.44 21.04
C THR B 289 -6.99 7.47 20.69
N ALA B 290 -6.64 6.21 20.49
CA ALA B 290 -7.61 5.19 20.12
C ALA B 290 -8.48 4.84 21.33
N GLY B 291 -9.80 4.95 21.16
CA GLY B 291 -10.72 4.65 22.23
C GLY B 291 -11.27 3.24 22.15
N ALA B 292 -12.57 3.12 21.91
CA ALA B 292 -13.18 1.80 21.79
C ALA B 292 -12.65 1.10 20.54
N PRO B 293 -12.37 -0.20 20.62
CA PRO B 293 -11.82 -0.91 19.45
C PRO B 293 -12.84 -1.00 18.33
N GLY B 294 -12.34 -0.85 17.09
CA GLY B 294 -13.20 -0.91 15.93
C GLY B 294 -12.55 -0.34 14.69
N THR B 295 -13.33 0.39 13.89
CA THR B 295 -12.85 0.99 12.65
C THR B 295 -13.20 2.48 12.67
N TYR B 296 -12.18 3.34 12.77
CA TYR B 296 -12.42 4.76 12.86
C TYR B 296 -11.98 5.49 11.61
N PRO B 297 -12.69 6.55 11.21
CA PRO B 297 -12.35 7.22 9.95
C PRO B 297 -11.43 8.42 10.13
N VAL B 298 -10.70 8.79 9.07
CA VAL B 298 -9.90 10.02 9.03
C VAL B 298 -10.34 10.76 7.77
N LYS B 299 -11.31 11.66 7.90
CA LYS B 299 -11.94 12.32 6.78
C LYS B 299 -11.77 13.83 6.89
N GLY B 300 -11.57 14.48 5.75
CA GLY B 300 -11.41 15.93 5.76
C GLY B 300 -10.85 16.43 4.44
N TYR B 301 -10.18 17.58 4.52
CA TYR B 301 -9.55 18.18 3.34
C TYR B 301 -8.24 18.84 3.75
N ILE B 302 -7.44 19.18 2.76
CA ILE B 302 -6.31 20.08 2.93
C ILE B 302 -6.51 21.25 1.98
N GLU B 303 -6.02 22.42 2.39
CA GLU B 303 -6.15 23.62 1.57
C GLU B 303 -4.93 24.49 1.77
N MET B 304 -4.37 24.99 0.68
CA MET B 304 -3.26 25.92 0.75
C MET B 304 -3.35 26.90 -0.41
N MET B 305 -2.99 28.15 -0.13
CA MET B 305 -3.09 29.21 -1.13
C MET B 305 -2.03 29.01 -2.22
N GLY B 306 -2.49 28.81 -3.45
CA GLY B 306 -1.58 28.63 -4.57
C GLY B 306 -0.79 29.88 -4.87
N ASN B 307 0.17 29.73 -5.78
CA ASN B 307 1.02 30.86 -6.15
C ASN B 307 0.25 31.89 -6.96
N ASP B 308 -0.65 31.45 -7.83
CA ASP B 308 -1.40 32.34 -8.71
C ASP B 308 -2.65 32.92 -8.05
N GLY B 309 -2.86 32.67 -6.76
CA GLY B 309 -3.97 33.25 -6.04
C GLY B 309 -5.18 32.37 -5.88
N VAL B 310 -5.18 31.17 -6.46
CA VAL B 310 -6.31 30.25 -6.37
C VAL B 310 -6.01 29.21 -5.31
N LYS B 311 -6.88 29.10 -4.30
CA LYS B 311 -6.68 28.15 -3.22
C LYS B 311 -6.84 26.73 -3.73
N ILE B 312 -5.76 25.96 -3.67
CA ILE B 312 -5.80 24.55 -4.05
C ILE B 312 -6.28 23.74 -2.85
N ARG B 313 -7.40 23.05 -3.01
CA ARG B 313 -7.99 22.25 -1.95
C ARG B 313 -8.20 20.83 -2.45
N ARG B 314 -7.86 19.85 -1.62
CA ARG B 314 -7.96 18.44 -1.97
C ARG B 314 -8.55 17.66 -0.81
N ASP B 315 -9.58 16.87 -1.11
CA ASP B 315 -10.25 16.05 -0.11
C ASP B 315 -9.52 14.73 0.09
N PHE B 316 -9.72 14.14 1.27
CA PHE B 316 -9.12 12.86 1.60
C PHE B 316 -10.05 12.11 2.54
N GLU B 317 -9.96 10.78 2.52
CA GLU B 317 -10.72 9.96 3.45
C GLU B 317 -10.00 8.61 3.61
N SER B 318 -9.43 8.38 4.78
CA SER B 318 -8.81 7.10 5.09
C SER B 318 -9.41 6.53 6.36
N GLU B 319 -8.75 5.54 6.94
CA GLU B 319 -9.31 4.84 8.10
C GLU B 319 -8.18 4.14 8.86
N TYR B 320 -8.33 4.07 10.17
CA TYR B 320 -7.39 3.34 11.03
C TYR B 320 -8.17 2.41 11.93
N PHE B 321 -7.65 1.18 12.09
CA PHE B 321 -8.33 0.14 12.83
C PHE B 321 -7.73 -0.01 14.22
N VAL B 322 -8.59 -0.14 15.22
CA VAL B 322 -8.19 -0.25 16.62
C VAL B 322 -8.49 -1.68 17.06
N THR B 323 -7.43 -2.45 17.31
CA THR B 323 -7.57 -3.82 17.80
C THR B 323 -7.54 -3.82 19.32
N GLU B 324 -7.54 -5.02 19.92
CA GLU B 324 -7.56 -5.11 21.37
C GLU B 324 -6.14 -5.23 21.92
N PRO B 325 -5.91 -4.77 23.15
CA PRO B 325 -4.58 -4.90 23.74
C PRO B 325 -4.21 -6.36 23.97
N MET B 326 -2.99 -6.70 23.60
CA MET B 326 -2.49 -8.06 23.73
C MET B 326 -1.64 -8.21 24.98
N ALA B 327 -1.80 -9.35 25.66
CA ALA B 327 -0.92 -9.73 26.76
C ALA B 327 -0.43 -11.16 26.52
N SER B 328 0.85 -11.29 26.16
CA SER B 328 1.49 -12.60 25.99
C SER B 328 2.18 -12.96 27.31
N VAL B 329 1.42 -13.49 28.25
CA VAL B 329 1.95 -13.97 29.52
C VAL B 329 2.02 -15.49 29.45
N ALA B 330 3.17 -16.04 29.82
CA ALA B 330 3.37 -17.48 29.71
C ALA B 330 4.55 -17.92 30.58
N PRO B 331 4.30 -18.69 31.63
CA PRO B 331 5.41 -19.22 32.44
C PRO B 331 6.25 -20.21 31.63
N THR B 332 7.55 -20.20 31.91
CA THR B 332 8.46 -21.11 31.22
C THR B 332 8.46 -22.51 31.81
N MET B 333 8.11 -22.65 33.09
CA MET B 333 8.00 -23.98 33.68
C MET B 333 6.83 -24.77 33.11
N MET B 334 5.83 -24.10 32.54
CA MET B 334 4.60 -24.73 32.08
C MET B 334 4.58 -24.96 30.58
N ASN B 335 5.75 -24.95 29.93
CA ASN B 335 5.85 -25.15 28.49
C ASN B 335 5.76 -26.62 28.08
N VAL B 336 4.91 -27.41 28.75
CA VAL B 336 4.93 -28.85 28.65
C VAL B 336 3.64 -29.35 28.01
N LEU B 337 3.78 -30.30 27.08
CA LEU B 337 2.66 -31.01 26.46
C LEU B 337 2.81 -32.49 26.79
N TYR B 338 1.99 -32.98 27.71
CA TYR B 338 2.05 -34.39 28.09
C TYR B 338 1.66 -35.26 26.91
N ALA B 339 2.42 -36.33 26.69
CA ALA B 339 2.20 -37.21 25.56
C ALA B 339 1.03 -38.15 25.83
N GLY B 340 0.68 -38.96 24.83
CA GLY B 340 -0.35 -39.96 24.97
C GLY B 340 -1.76 -39.41 24.98
N ILE B 341 -2.03 -38.48 25.89
CA ILE B 341 -3.38 -37.95 26.07
C ILE B 341 -3.60 -36.74 25.17
N ASP B 342 -4.77 -36.15 25.27
CA ASP B 342 -5.15 -35.00 24.45
C ASP B 342 -4.86 -33.72 25.24
N ASN B 343 -3.89 -32.94 24.79
CA ASN B 343 -3.54 -31.69 25.45
C ASN B 343 -4.38 -30.56 24.88
N PRO B 344 -5.24 -29.92 25.67
CA PRO B 344 -6.05 -28.80 25.16
C PRO B 344 -5.23 -27.54 25.08
N ILE B 345 -5.09 -27.01 23.86
CA ILE B 345 -4.40 -25.75 23.62
C ILE B 345 -5.43 -24.74 23.11
N ASN B 346 -5.27 -23.48 23.50
CA ASN B 346 -6.15 -22.42 23.03
C ASN B 346 -5.29 -21.39 22.30
N ILE B 347 -5.50 -21.24 21.00
CA ILE B 347 -4.77 -20.30 20.18
C ILE B 347 -5.64 -19.08 19.93
N ALA B 348 -5.14 -17.90 20.32
CA ALA B 348 -5.86 -16.64 20.16
C ALA B 348 -5.03 -15.65 19.37
N VAL B 349 -5.68 -14.92 18.47
CA VAL B 349 -5.02 -13.99 17.57
C VAL B 349 -5.79 -12.67 17.62
N PRO B 350 -5.14 -11.51 17.59
CA PRO B 350 -5.90 -10.25 17.72
C PRO B 350 -6.76 -10.00 16.48
N GLY B 351 -8.03 -9.70 16.73
CA GLY B 351 -8.93 -9.27 15.68
C GLY B 351 -9.26 -10.32 14.64
N VAL B 352 -8.86 -11.56 14.88
CA VAL B 352 -9.10 -12.66 13.96
C VAL B 352 -9.79 -13.78 14.71
N ALA B 353 -10.99 -14.15 14.27
CA ALA B 353 -11.72 -15.24 14.88
C ALA B 353 -11.05 -16.58 14.57
N GLN B 354 -11.35 -17.59 15.38
CA GLN B 354 -10.74 -18.90 15.25
C GLN B 354 -11.13 -19.63 13.96
N GLN B 355 -11.97 -19.03 13.12
CA GLN B 355 -12.34 -19.65 11.85
C GLN B 355 -11.27 -19.51 10.78
N ASN B 356 -10.23 -18.71 11.04
CA ASN B 356 -9.18 -18.48 10.06
C ASN B 356 -7.80 -18.97 10.50
N VAL B 357 -7.58 -19.17 11.79
CA VAL B 357 -6.27 -19.56 12.29
C VAL B 357 -6.03 -21.03 11.99
N SER B 358 -4.80 -21.35 11.60
CA SER B 358 -4.40 -22.73 11.33
C SER B 358 -2.99 -22.93 11.85
N ALA B 359 -2.79 -24.01 12.61
CA ALA B 359 -1.50 -24.32 13.20
C ALA B 359 -1.17 -25.78 12.98
N THR B 360 0.13 -26.07 12.99
CA THR B 360 0.65 -27.42 12.82
C THR B 360 1.67 -27.71 13.92
N ILE B 361 2.28 -28.88 13.86
CA ILE B 361 3.27 -29.31 14.83
C ILE B 361 4.04 -30.47 14.24
N ASN B 362 5.35 -30.50 14.50
CA ASN B 362 6.19 -31.57 13.96
C ASN B 362 6.05 -32.85 14.78
N ASN B 363 5.74 -32.74 16.07
CA ASN B 363 5.66 -33.89 16.97
C ASN B 363 4.20 -34.28 17.12
N GLY B 364 3.73 -35.14 16.22
CA GLY B 364 2.40 -35.71 16.35
C GLY B 364 1.30 -34.96 15.63
N THR B 365 0.14 -34.88 16.27
CA THR B 365 -1.08 -34.36 15.64
C THR B 365 -1.56 -33.11 16.38
N LEU B 366 -2.33 -32.29 15.67
CA LEU B 366 -2.94 -31.09 16.26
C LEU B 366 -4.21 -30.80 15.47
N THR B 367 -5.36 -31.01 16.10
CA THR B 367 -6.64 -30.79 15.44
C THR B 367 -7.48 -29.80 16.24
N ARG B 368 -8.74 -29.64 15.84
CA ARG B 368 -9.65 -28.71 16.49
C ARG B 368 -10.74 -29.49 17.24
N ARG B 369 -11.25 -28.90 18.32
CA ARG B 369 -12.41 -29.45 19.02
C ARG B 369 -13.26 -28.28 19.53
N GLY B 370 -13.65 -27.40 18.61
CA GLY B 370 -14.46 -26.24 18.95
C GLY B 370 -13.65 -24.96 18.92
N ASN B 371 -13.73 -24.18 20.00
CA ASN B 371 -12.99 -22.93 20.10
C ASN B 371 -11.55 -23.14 20.56
N LEU B 372 -11.07 -24.38 20.59
CA LEU B 372 -9.69 -24.64 20.97
C LEU B 372 -9.17 -25.84 20.22
N TRP B 373 -7.85 -25.89 20.07
CA TRP B 373 -7.16 -26.99 19.44
C TRP B 373 -6.81 -28.06 20.48
N ILE B 374 -6.47 -29.24 19.98
CA ILE B 374 -6.03 -30.35 20.82
C ILE B 374 -4.79 -30.95 20.17
N ALA B 375 -3.71 -31.04 20.94
CA ALA B 375 -2.43 -31.53 20.49
C ALA B 375 -2.14 -32.90 21.09
N ARG B 376 -1.57 -33.78 20.28
CA ARG B 376 -1.26 -35.15 20.66
C ARG B 376 0.15 -35.47 20.17
N PRO B 377 1.15 -35.30 21.03
CA PRO B 377 2.53 -35.61 20.64
C PRO B 377 2.83 -37.10 20.74
N THR B 378 3.82 -37.52 19.95
CA THR B 378 4.16 -38.93 19.84
C THR B 378 5.66 -39.20 20.00
N LYS B 379 6.46 -38.18 20.31
CA LYS B 379 7.91 -38.33 20.47
C LYS B 379 8.30 -37.75 21.82
N VAL B 380 8.42 -38.61 22.83
CA VAL B 380 8.72 -38.15 24.18
C VAL B 380 10.12 -37.51 24.22
N GLY B 381 10.25 -36.50 25.07
CA GLY B 381 11.54 -35.91 25.34
C GLY B 381 11.94 -34.78 24.41
N SER B 382 11.70 -34.96 23.11
CA SER B 382 12.12 -33.99 22.12
C SER B 382 11.29 -32.72 22.22
N GLU B 383 11.54 -31.79 21.31
CA GLU B 383 10.79 -30.54 21.26
C GLU B 383 9.56 -30.69 20.37
N ALA B 384 8.73 -29.65 20.37
CA ALA B 384 7.55 -29.62 19.51
C ALA B 384 7.26 -28.16 19.21
N ILE B 385 7.44 -27.76 17.95
CA ILE B 385 7.22 -26.38 17.53
C ILE B 385 5.86 -26.29 16.87
N ILE B 386 5.09 -25.27 17.27
CA ILE B 386 3.77 -24.99 16.69
C ILE B 386 3.92 -23.74 15.84
N SER B 387 3.76 -23.90 14.53
CA SER B 387 3.81 -22.79 13.58
C SER B 387 2.38 -22.36 13.27
N VAL B 388 2.02 -21.16 13.72
CA VAL B 388 0.67 -20.64 13.59
C VAL B 388 0.55 -19.90 12.26
N THR B 389 -0.65 -19.93 11.68
CA THR B 389 -0.96 -19.22 10.45
C THR B 389 -2.32 -18.57 10.57
N ALA B 390 -2.37 -17.25 10.36
CA ALA B 390 -3.61 -16.49 10.40
C ALA B 390 -4.00 -16.05 8.99
N GLN B 391 -5.25 -15.61 8.85
CA GLN B 391 -5.79 -15.22 7.56
C GLN B 391 -6.69 -14.00 7.75
N SER B 392 -6.14 -12.82 7.47
CA SER B 392 -6.94 -11.61 7.41
C SER B 392 -7.39 -11.34 5.97
N GLY B 393 -7.61 -10.08 5.62
CA GLY B 393 -8.07 -9.75 4.29
C GLY B 393 -7.11 -10.13 3.17
N GLY B 394 -7.39 -11.26 2.51
CA GLY B 394 -6.63 -11.65 1.34
C GLY B 394 -5.15 -11.89 1.56
N ARG B 395 -4.79 -12.56 2.64
CA ARG B 395 -3.39 -12.86 2.92
C ARG B 395 -3.31 -13.99 3.95
N THR B 396 -2.22 -14.75 3.88
CA THR B 396 -1.94 -15.84 4.79
C THR B 396 -0.66 -15.50 5.55
N ILE B 397 -0.81 -15.05 6.80
CA ILE B 397 0.31 -14.61 7.60
C ILE B 397 0.91 -15.80 8.34
N GLN B 398 2.23 -15.97 8.21
CA GLN B 398 2.96 -16.95 9.00
C GLN B 398 3.50 -16.26 10.25
N MET B 399 3.13 -16.78 11.42
CA MET B 399 3.42 -16.10 12.67
C MET B 399 4.49 -16.84 13.47
N ALA B 400 4.52 -16.59 14.78
CA ALA B 400 5.62 -17.05 15.62
C ALA B 400 5.57 -18.57 15.83
N LYS B 401 6.72 -19.22 15.66
CA LYS B 401 6.86 -20.64 15.97
C LYS B 401 7.06 -20.80 17.46
N THR B 402 6.04 -21.29 18.15
CA THR B 402 6.09 -21.46 19.61
C THR B 402 6.69 -22.82 19.93
N THR B 403 7.78 -22.83 20.68
CA THR B 403 8.44 -24.07 21.06
C THR B 403 7.89 -24.58 22.39
N LEU B 404 7.63 -25.88 22.46
CA LEU B 404 7.14 -26.51 23.67
C LEU B 404 7.92 -27.80 23.90
N ARG B 405 7.96 -28.22 25.16
CA ARG B 405 8.59 -29.47 25.54
C ARG B 405 7.51 -30.52 25.80
N VAL B 406 7.80 -31.77 25.45
CA VAL B 406 6.87 -32.86 25.67
C VAL B 406 7.49 -33.84 26.66
N ARG B 407 6.67 -34.31 27.60
CA ARG B 407 7.11 -35.29 28.58
C ARG B 407 6.20 -36.51 28.55
N ALA B 408 6.22 -37.29 29.61
CA ALA B 408 5.26 -38.37 29.80
C ALA B 408 4.35 -38.03 30.98
N LEU B 409 3.19 -38.68 31.00
CA LEU B 409 2.26 -38.47 32.10
C LEU B 409 2.94 -38.84 33.42
N PRO B 410 2.90 -37.98 34.42
CA PRO B 410 3.59 -38.28 35.68
C PRO B 410 2.98 -39.50 36.36
N ASP B 411 3.85 -40.34 36.90
CA ASP B 411 3.39 -41.50 37.63
C ASP B 411 2.59 -41.05 38.86
N PRO B 412 1.44 -41.66 39.10
CA PRO B 412 0.59 -41.23 40.22
C PRO B 412 1.14 -41.73 41.55
N LEU B 413 0.42 -41.40 42.61
CA LEU B 413 0.72 -41.92 43.92
C LEU B 413 -0.37 -42.89 44.36
N PRO B 414 0.00 -43.97 45.04
CA PRO B 414 -1.00 -44.91 45.55
C PRO B 414 -1.59 -44.43 46.87
N TYR B 415 -2.80 -44.90 47.14
CA TYR B 415 -3.50 -44.57 48.36
C TYR B 415 -4.61 -45.59 48.58
N ILE B 416 -5.02 -45.69 49.84
CA ILE B 416 -6.18 -46.48 50.25
C ILE B 416 -7.28 -45.50 50.58
N GLU B 417 -8.34 -45.48 49.76
CA GLU B 417 -9.46 -44.58 50.00
C GLU B 417 -10.33 -45.16 51.09
N TYR B 418 -10.28 -44.57 52.29
CA TYR B 418 -11.07 -45.05 53.41
C TYR B 418 -12.06 -43.98 53.86
N LYS B 419 -13.28 -44.43 54.12
CA LYS B 419 -14.30 -43.61 54.77
C LYS B 419 -14.22 -43.88 56.27
N ASP B 420 -13.69 -42.92 57.03
CA ASP B 420 -13.71 -43.06 58.47
C ASP B 420 -15.14 -43.13 58.97
N VAL B 421 -15.31 -43.71 60.16
CA VAL B 421 -16.61 -43.88 60.77
C VAL B 421 -17.33 -42.55 61.00
N GLN B 422 -16.66 -41.43 60.77
CA GLN B 422 -17.24 -40.11 61.00
C GLN B 422 -18.10 -39.63 59.84
N GLY B 423 -17.96 -40.24 58.67
CA GLY B 423 -18.74 -39.86 57.49
C GLY B 423 -17.97 -39.14 56.40
N ASN B 424 -16.67 -38.96 56.58
CA ASN B 424 -15.83 -38.28 55.61
C ASN B 424 -15.18 -39.31 54.68
N THR B 425 -14.30 -38.84 53.80
CA THR B 425 -13.53 -39.69 52.90
C THR B 425 -12.10 -39.18 52.84
N LYS B 426 -11.13 -40.05 53.12
CA LYS B 426 -9.73 -39.66 53.11
C LYS B 426 -8.90 -40.69 52.36
N ARG B 427 -7.68 -40.31 52.04
CA ARG B 427 -6.77 -41.09 51.20
C ARG B 427 -5.52 -41.43 52.01
N PHE B 428 -5.54 -42.60 52.65
CA PHE B 428 -4.39 -43.09 53.40
C PHE B 428 -3.20 -43.32 52.47
N LYS B 429 -2.03 -42.86 52.87
CA LYS B 429 -0.81 -42.99 52.07
C LYS B 429 0.38 -43.38 52.95
N GLY B 430 0.16 -44.28 53.89
CA GLY B 430 1.22 -44.73 54.77
C GLY B 430 0.95 -44.29 56.20
N GLY B 431 1.24 -45.19 57.15
CA GLY B 431 1.03 -44.89 58.55
C GLY B 431 0.08 -45.85 59.22
N ARG B 432 -0.55 -45.42 60.31
CA ARG B 432 -1.44 -46.28 61.07
C ARG B 432 -2.82 -46.33 60.44
N LEU B 433 -3.46 -47.50 60.54
CA LEU B 433 -4.83 -47.66 60.07
C LEU B 433 -5.46 -48.83 60.80
N GLY B 434 -6.77 -48.78 60.94
CA GLY B 434 -7.49 -49.84 61.60
C GLY B 434 -7.67 -51.05 60.71
N LYS B 435 -7.88 -52.20 61.36
CA LYS B 435 -8.08 -53.46 60.66
C LYS B 435 -9.48 -53.62 60.11
N ARG B 436 -10.20 -52.53 59.91
CA ARG B 436 -11.51 -52.55 59.28
C ARG B 436 -11.64 -51.52 58.17
N GLU B 437 -11.07 -50.32 58.36
CA GLU B 437 -11.00 -49.36 57.27
C GLU B 437 -10.16 -49.86 56.11
N ILE B 438 -9.32 -50.87 56.33
CA ILE B 438 -8.51 -51.44 55.25
C ILE B 438 -9.36 -52.33 54.36
N LEU B 439 -10.01 -53.34 54.95
CA LEU B 439 -10.81 -54.26 54.16
C LEU B 439 -12.08 -53.61 53.65
N ALA B 440 -12.60 -52.59 54.34
CA ALA B 440 -13.77 -51.88 53.85
C ALA B 440 -13.44 -51.11 52.57
N ALA B 441 -12.18 -50.73 52.38
CA ALA B 441 -11.82 -49.95 51.20
C ALA B 441 -11.81 -50.82 49.94
N GLY B 442 -11.60 -52.11 50.09
CA GLY B 442 -11.58 -53.00 48.94
C GLY B 442 -10.18 -53.32 48.45
N GLY B 443 -9.35 -52.29 48.32
CA GLY B 443 -8.01 -52.50 47.83
C GLY B 443 -7.25 -51.20 47.63
N ILE B 444 -6.27 -51.25 46.75
CA ILE B 444 -5.38 -50.13 46.49
C ILE B 444 -5.91 -49.32 45.32
N LYS B 445 -6.01 -48.00 45.50
CA LYS B 445 -6.27 -47.08 44.42
C LYS B 445 -5.03 -46.24 44.16
N ALA B 446 -5.02 -45.52 43.04
CA ALA B 446 -3.89 -44.66 42.73
C ALA B 446 -4.38 -43.49 41.89
N ALA B 447 -3.81 -42.31 42.18
CA ALA B 447 -4.20 -41.10 41.45
C ALA B 447 -3.14 -40.04 41.71
N LEU B 448 -3.28 -38.92 41.01
CA LEU B 448 -2.37 -37.79 41.19
C LEU B 448 -2.69 -37.09 42.50
N ASP B 449 -1.65 -36.86 43.32
CA ASP B 449 -1.83 -36.11 44.55
C ASP B 449 -2.30 -34.69 44.28
N ASP B 450 -1.98 -34.15 43.10
CA ASP B 450 -2.41 -32.82 42.71
C ASP B 450 -3.85 -32.87 42.21
N ASP B 451 -4.25 -31.88 41.41
CA ASP B 451 -5.62 -31.82 40.91
C ASP B 451 -5.64 -31.44 39.43
N LEU B 452 -4.68 -31.96 38.66
CA LEU B 452 -4.76 -31.88 37.22
C LEU B 452 -5.58 -33.06 36.73
N LEU B 453 -6.75 -33.27 37.33
CA LEU B 453 -7.50 -34.51 37.16
C LEU B 453 -8.41 -34.49 35.94
N GLU B 454 -7.89 -34.07 34.79
CA GLU B 454 -8.52 -34.39 33.53
C GLU B 454 -8.26 -35.83 33.13
N VAL B 455 -7.28 -36.48 33.78
CA VAL B 455 -6.96 -37.88 33.56
C VAL B 455 -6.86 -38.56 34.91
N ASN B 456 -7.19 -39.84 34.95
CA ASN B 456 -7.18 -40.62 36.18
C ASN B 456 -6.61 -42.00 35.91
N TYR B 457 -5.93 -42.54 36.92
CA TYR B 457 -5.22 -43.81 36.82
C TYR B 457 -5.96 -44.92 37.54
N THR B 458 -5.66 -46.15 37.14
CA THR B 458 -6.27 -47.34 37.71
C THR B 458 -5.19 -48.37 38.01
N VAL B 459 -5.20 -48.92 39.22
CA VAL B 459 -4.24 -49.96 39.60
C VAL B 459 -4.65 -51.27 38.96
N VAL B 460 -3.67 -51.98 38.40
CA VAL B 460 -3.92 -53.31 37.85
C VAL B 460 -3.30 -54.41 38.70
N LYS B 461 -2.18 -54.16 39.38
CA LYS B 461 -1.58 -55.21 40.18
C LYS B 461 -0.86 -54.60 41.37
N PHE B 462 -0.84 -55.34 42.48
CA PHE B 462 -0.02 -54.98 43.63
C PHE B 462 0.18 -56.23 44.48
N GLN B 463 1.04 -56.10 45.48
CA GLN B 463 1.33 -57.20 46.39
C GLN B 463 1.32 -56.69 47.83
N LEU B 464 0.94 -57.57 48.74
CA LEU B 464 1.06 -57.34 50.17
C LEU B 464 2.18 -58.21 50.71
N VAL B 465 3.16 -57.59 51.35
CA VAL B 465 4.34 -58.30 51.84
C VAL B 465 4.22 -58.39 53.35
N PHE B 466 3.71 -59.52 53.84
CA PHE B 466 3.71 -59.77 55.27
C PHE B 466 5.06 -60.33 55.71
N TYR B 467 5.25 -60.44 57.02
CA TYR B 467 6.46 -61.04 57.57
C TYR B 467 6.06 -62.07 58.62
N ASP B 468 6.55 -63.29 58.45
CA ASP B 468 6.14 -64.41 59.28
C ASP B 468 6.82 -64.32 60.65
N SER B 469 6.73 -65.41 61.43
CA SER B 469 7.36 -65.48 62.74
C SER B 469 8.79 -65.99 62.67
N MET B 470 9.42 -65.95 61.50
CA MET B 470 10.79 -66.40 61.34
C MET B 470 11.68 -65.40 60.61
N GLY B 471 11.17 -64.23 60.25
CA GLY B 471 11.94 -63.20 59.60
C GLY B 471 11.77 -63.12 58.10
N ASN B 472 11.40 -64.23 57.46
CA ASN B 472 11.24 -64.24 56.01
C ASN B 472 9.96 -63.50 55.61
N SER B 473 9.89 -63.14 54.33
CA SER B 473 8.78 -62.38 53.81
C SER B 473 7.77 -63.30 53.13
N ILE B 474 6.50 -62.92 53.21
CA ILE B 474 5.40 -63.64 52.59
C ILE B 474 4.69 -62.69 51.65
N PRO B 475 4.96 -62.77 50.35
CA PRO B 475 4.27 -61.90 49.39
C PRO B 475 3.00 -62.53 48.84
N GLU B 476 1.94 -61.74 48.79
CA GLU B 476 0.64 -62.18 48.28
C GLU B 476 0.22 -61.25 47.16
N VAL B 477 -0.12 -61.84 46.01
CA VAL B 477 -0.52 -61.05 44.85
C VAL B 477 -1.98 -60.64 44.98
N SER B 478 -2.36 -59.64 44.19
CA SER B 478 -3.68 -59.05 44.25
C SER B 478 -4.56 -59.54 43.11
N ASP B 479 -5.87 -59.44 43.33
CA ASP B 479 -6.85 -59.76 42.29
C ASP B 479 -7.24 -58.48 41.53
N GLY B 480 -6.25 -57.90 40.88
CA GLY B 480 -6.43 -56.63 40.18
C GLY B 480 -6.12 -55.44 41.09
N ALA B 481 -7.14 -54.65 41.39
CA ALA B 481 -7.02 -53.54 42.33
C ALA B 481 -7.64 -53.85 43.69
N SER B 482 -8.23 -55.03 43.86
CA SER B 482 -8.85 -55.43 45.10
C SER B 482 -8.00 -56.50 45.79
N PHE B 483 -8.21 -56.64 47.09
CA PHE B 483 -7.44 -57.59 47.88
C PHE B 483 -7.85 -59.02 47.55
N SER B 484 -6.86 -59.88 47.34
CA SER B 484 -7.12 -61.30 47.15
C SER B 484 -7.69 -61.90 48.43
N GLU B 485 -8.27 -63.09 48.30
CA GLU B 485 -8.83 -63.78 49.45
C GLU B 485 -7.75 -64.08 50.48
N ARG B 486 -6.59 -64.55 50.03
CA ARG B 486 -5.48 -64.79 50.95
C ARG B 486 -5.03 -63.50 51.62
N GLN B 487 -5.05 -62.39 50.88
CA GLN B 487 -4.69 -61.10 51.47
C GLN B 487 -5.67 -60.72 52.57
N LYS B 488 -6.96 -60.91 52.33
CA LYS B 488 -7.96 -60.59 53.36
C LYS B 488 -7.79 -61.48 54.58
N ARG B 489 -7.53 -62.78 54.37
CA ARG B 489 -7.36 -63.68 55.51
C ARG B 489 -6.14 -63.28 56.34
N GLN B 490 -5.00 -63.08 55.68
CA GLN B 490 -3.78 -62.72 56.40
C GLN B 490 -3.80 -61.30 56.93
N ILE B 491 -4.71 -60.45 56.46
CA ILE B 491 -4.95 -59.17 57.13
C ILE B 491 -5.79 -59.38 58.38
N GLN B 492 -6.81 -60.25 58.29
CA GLN B 492 -7.61 -60.59 59.46
C GLN B 492 -6.75 -61.21 60.56
N ASN B 493 -5.69 -61.92 60.18
CA ASN B 493 -4.77 -62.50 61.16
C ASN B 493 -3.53 -61.60 61.32
N LEU B 494 -3.75 -60.46 61.95
CA LEU B 494 -2.67 -59.52 62.26
C LEU B 494 -2.94 -58.87 63.60
N GLY B 495 -2.05 -59.09 64.56
CA GLY B 495 -2.18 -58.45 65.86
C GLY B 495 -1.85 -56.98 65.81
N LYS B 496 -2.15 -56.30 66.91
CA LYS B 496 -1.92 -54.86 66.99
C LYS B 496 -0.44 -54.54 66.91
N GLY B 497 -0.11 -53.44 66.23
CA GLY B 497 1.26 -53.02 66.07
C GLY B 497 2.03 -53.68 64.95
N LYS B 498 1.45 -54.68 64.29
CA LYS B 498 2.15 -55.35 63.20
C LYS B 498 1.96 -54.60 61.89
N ARG B 499 2.94 -54.72 61.00
CA ARG B 499 3.00 -53.95 59.78
C ARG B 499 2.87 -54.85 58.56
N PHE B 500 2.26 -54.31 57.50
CA PHE B 500 2.31 -54.94 56.19
C PHE B 500 2.50 -53.86 55.14
N TYR B 501 3.16 -54.22 54.04
CA TYR B 501 3.61 -53.25 53.05
C TYR B 501 2.99 -53.55 51.70
N VAL B 502 2.33 -52.55 51.13
CA VAL B 502 1.86 -52.63 49.75
C VAL B 502 3.01 -52.29 48.83
N THR B 503 3.44 -53.27 48.05
CA THR B 503 4.67 -53.24 47.26
C THR B 503 4.39 -53.69 45.84
N GLU B 504 5.14 -53.11 44.89
CA GLU B 504 5.05 -53.46 43.48
C GLU B 504 3.65 -53.18 42.94
N VAL B 505 3.32 -51.90 42.93
CA VAL B 505 2.00 -51.43 42.53
C VAL B 505 2.10 -50.97 41.08
N ILE B 506 1.68 -51.84 40.17
CA ILE B 506 1.61 -51.51 38.75
C ILE B 506 0.23 -50.96 38.45
N ALA B 507 0.19 -49.70 38.01
CA ALA B 507 -1.04 -48.99 37.71
C ALA B 507 -1.01 -48.51 36.26
N ARG B 508 -2.14 -48.67 35.58
CA ARG B 508 -2.26 -48.31 34.18
C ARG B 508 -2.66 -46.85 34.03
N GLY B 509 -2.16 -46.21 32.96
CA GLY B 509 -2.41 -44.82 32.73
C GLY B 509 -3.26 -44.57 31.49
N PRO B 510 -3.87 -43.38 31.42
CA PRO B 510 -4.69 -43.05 30.25
C PRO B 510 -3.89 -42.95 28.95
N ASP B 511 -2.58 -42.73 29.03
CA ASP B 511 -1.75 -42.69 27.83
C ASP B 511 -1.45 -44.07 27.28
N GLY B 512 -1.82 -45.13 27.99
CA GLY B 512 -1.59 -46.48 27.51
C GLY B 512 -0.58 -47.24 28.35
N ILE B 513 0.61 -46.67 28.51
CA ILE B 513 1.67 -47.35 29.27
C ILE B 513 1.29 -47.42 30.73
N GLU B 514 1.75 -48.48 31.39
CA GLU B 514 1.54 -48.68 32.82
C GLU B 514 2.85 -48.44 33.57
N ARG B 515 2.74 -48.03 34.82
CA ARG B 515 3.89 -47.64 35.62
C ARG B 515 3.94 -48.44 36.91
N LYS B 516 5.12 -48.46 37.51
CA LYS B 516 5.33 -49.01 38.85
C LYS B 516 5.46 -47.83 39.81
N ILE B 517 4.46 -47.65 40.66
CA ILE B 517 4.37 -46.49 41.53
C ILE B 517 4.91 -46.85 42.90
N PRO B 518 5.15 -45.89 43.80
CA PRO B 518 5.78 -46.21 45.09
C PRO B 518 4.97 -47.19 45.93
N ALA B 519 5.60 -47.61 47.03
CA ALA B 519 5.02 -48.53 48.00
C ALA B 519 4.47 -47.74 49.20
N ILE B 520 3.71 -48.43 50.05
CA ILE B 520 3.17 -47.80 51.26
C ILE B 520 3.20 -48.77 52.42
N GLU B 521 3.59 -48.27 53.59
CA GLU B 521 3.61 -49.05 54.82
C GLU B 521 2.32 -48.84 55.58
N VAL B 522 1.70 -49.93 56.03
CA VAL B 522 0.45 -49.90 56.78
C VAL B 522 0.70 -50.54 58.13
N ILE B 523 0.41 -49.79 59.20
CA ILE B 523 0.51 -50.27 60.56
C ILE B 523 -0.90 -50.60 61.03
N VAL B 524 -1.19 -51.90 61.15
CA VAL B 524 -2.51 -52.32 61.59
C VAL B 524 -2.66 -52.04 63.07
N ASN B 525 -3.78 -51.44 63.46
CA ASN B 525 -4.12 -51.30 64.87
C ASN B 525 -5.59 -51.59 65.07
N LEU B 526 -5.99 -51.70 66.34
CA LEU B 526 -7.37 -51.99 66.70
C LEU B 526 -8.00 -50.81 67.42
#